data_1OYJ
#
_entry.id   1OYJ
#
_cell.length_a   76.829
_cell.length_b   91.129
_cell.length_c   165.034
_cell.angle_alpha   90.00
_cell.angle_beta   90.00
_cell.angle_gamma   90.00
#
_symmetry.space_group_name_H-M   'P 21 21 21'
#
loop_
_entity.id
_entity.type
_entity.pdbx_description
1 polymer 'glutathione s-transferase'
2 non-polymer 'MAGNESIUM ION'
3 non-polymer 'CHLORIDE ION'
4 non-polymer GLUTATHIONE
5 non-polymer GLYCEROL
6 water water
#
_entity_poly.entity_id   1
_entity_poly.type   'polypeptide(L)'
_entity_poly.pdbx_seq_one_letter_code
;MAEEKELVLLDFWVSPFGQRCRIAMAEKGLEFEYREEDLGNKSDLLLRSNPVHRKIPVLLHAGRPVSESLVILQYLDDAF
PGTPHLLPPANSGDADAAYARATARFWADYVDRKLYDCGSRLWRLKGEPQAAAGREMAEILRTLEAELGDREFFGGGGGG
RLGFVDVALVPFTAWFYSYERCGGFSVEEVAPRLAAWARRCGRIDSVVKHLPSPEKVYDFVGVLKKKYGVE
;
_entity_poly.pdbx_strand_id   A,B,C,D
#
loop_
_chem_comp.id
_chem_comp.type
_chem_comp.name
_chem_comp.formula
CL non-polymer 'CHLORIDE ION' 'Cl -1'
GOL non-polymer GLYCEROL 'C3 H8 O3'
GSH non-polymer GLUTATHIONE 'C10 H17 N3 O6 S'
MG non-polymer 'MAGNESIUM ION' 'Mg 2'
#
# COMPACT_ATOMS: atom_id res chain seq x y z
N ALA A 2 -38.43 36.79 18.70
CA ALA A 2 -39.10 35.46 18.88
C ALA A 2 -39.87 35.06 17.63
N GLU A 3 -39.16 34.85 16.53
CA GLU A 3 -39.74 34.18 15.35
C GLU A 3 -39.23 32.74 15.24
N GLU A 4 -39.06 32.28 14.00
CA GLU A 4 -38.53 30.96 13.69
C GLU A 4 -37.09 31.10 13.19
N LYS A 5 -36.11 30.80 14.05
CA LYS A 5 -34.72 30.76 13.59
C LYS A 5 -33.83 32.01 13.78
N GLU A 6 -32.53 31.77 13.94
CA GLU A 6 -31.51 32.82 13.82
C GLU A 6 -30.75 32.27 12.62
N LEU A 7 -31.08 32.81 11.46
CA LEU A 7 -30.50 32.37 10.20
C LEU A 7 -29.49 33.34 9.65
N VAL A 8 -28.34 32.82 9.25
CA VAL A 8 -27.32 33.62 8.61
C VAL A 8 -26.83 32.88 7.40
N LEU A 9 -26.60 33.62 6.32
CA LEU A 9 -26.22 33.00 5.08
C LEU A 9 -24.93 33.61 4.61
N LEU A 10 -23.86 32.81 4.55
CA LEU A 10 -22.61 33.27 4.02
C LEU A 10 -22.73 33.02 2.51
N ASP A 11 -22.54 34.05 1.70
CA ASP A 11 -22.82 33.89 0.28
C ASP A 11 -21.95 34.83 -0.57
N PHE A 12 -22.12 34.78 -1.88
CA PHE A 12 -21.41 35.58 -2.84
C PHE A 12 -22.54 36.03 -3.77
N TRP A 13 -22.66 37.32 -4.05
CA TRP A 13 -23.88 37.86 -4.75
C TRP A 13 -24.36 37.11 -6.00
N VAL A 14 -23.46 36.84 -6.91
CA VAL A 14 -23.78 36.23 -8.23
C VAL A 14 -23.91 34.70 -8.17
N SER A 15 -23.62 34.07 -7.01
CA SER A 15 -23.76 32.59 -6.89
C SER A 15 -25.17 32.02 -7.11
N PRO A 16 -25.29 31.15 -8.09
CA PRO A 16 -26.55 30.47 -8.35
C PRO A 16 -26.89 29.56 -7.19
N PHE A 17 -25.83 28.98 -6.54
CA PHE A 17 -26.02 28.04 -5.48
C PHE A 17 -26.53 28.72 -4.21
N GLY A 18 -25.96 29.88 -3.88
CA GLY A 18 -26.46 30.67 -2.73
C GLY A 18 -27.83 31.28 -3.06
N GLN A 19 -28.05 31.66 -4.29
CA GLN A 19 -29.36 32.13 -4.67
C GLN A 19 -30.49 31.10 -4.43
N ARG A 20 -30.22 29.80 -4.65
CA ARG A 20 -31.14 28.83 -4.30
C ARG A 20 -31.66 29.00 -2.89
N CYS A 21 -30.77 29.12 -1.94
CA CYS A 21 -31.12 29.12 -0.58
C CYS A 21 -31.82 30.46 -0.28
N ARG A 22 -31.39 31.54 -0.93
CA ARG A 22 -32.13 32.83 -0.73
C ARG A 22 -33.62 32.70 -1.15
N ILE A 23 -33.85 32.17 -2.35
CA ILE A 23 -35.23 32.01 -2.87
C ILE A 23 -36.05 31.10 -1.97
N ALA A 24 -35.43 30.00 -1.50
CA ALA A 24 -36.15 29.05 -0.66
C ALA A 24 -36.56 29.64 0.70
N MET A 25 -35.68 30.41 1.32
CA MET A 25 -36.05 31.14 2.49
C MET A 25 -37.13 32.19 2.22
N ALA A 26 -36.97 32.97 1.16
CA ALA A 26 -38.01 33.90 0.78
C ALA A 26 -39.33 33.20 0.60
N GLU A 27 -39.32 32.11 -0.11
CA GLU A 27 -40.58 31.33 -0.37
C GLU A 27 -41.23 30.91 0.92
N LYS A 28 -40.38 30.63 1.91
CA LYS A 28 -40.82 30.14 3.17
C LYS A 28 -41.15 31.20 4.23
N GLY A 29 -40.95 32.45 3.92
CA GLY A 29 -41.13 33.53 4.89
C GLY A 29 -40.03 33.55 5.93
N LEU A 30 -38.88 32.96 5.66
CA LEU A 30 -37.86 32.95 6.68
C LEU A 30 -36.84 34.08 6.44
N GLU A 31 -36.67 35.00 7.41
CA GLU A 31 -35.78 36.13 7.26
C GLU A 31 -34.42 35.68 7.61
N PHE A 32 -33.40 36.22 6.96
CA PHE A 32 -32.04 35.81 7.32
C PHE A 32 -31.08 36.95 7.16
N GLU A 33 -29.97 36.90 7.84
CA GLU A 33 -28.91 37.85 7.65
C GLU A 33 -27.98 37.41 6.56
N TYR A 34 -27.89 38.20 5.49
CA TYR A 34 -26.98 37.89 4.39
C TYR A 34 -25.59 38.49 4.63
N ARG A 35 -24.55 37.68 4.53
CA ARG A 35 -23.20 38.20 4.63
C ARG A 35 -22.44 37.93 3.36
N GLU A 36 -21.97 38.99 2.69
CA GLU A 36 -21.22 38.87 1.46
C GLU A 36 -19.77 38.41 1.71
N GLU A 37 -19.35 37.32 1.11
CA GLU A 37 -17.97 36.93 1.29
C GLU A 37 -17.09 37.30 0.12
N ASP A 38 -15.83 37.64 0.38
CA ASP A 38 -14.86 37.86 -0.70
C ASP A 38 -14.16 36.54 -0.92
N LEU A 39 -14.44 35.89 -2.03
CA LEU A 39 -13.90 34.53 -2.19
C LEU A 39 -12.37 34.44 -2.31
N GLY A 40 -11.75 35.59 -2.62
CA GLY A 40 -10.31 35.74 -2.67
C GLY A 40 -9.78 36.06 -1.29
N ASN A 41 -10.66 36.30 -0.33
CA ASN A 41 -10.23 36.67 1.00
C ASN A 41 -11.31 36.11 1.97
N LYS A 42 -11.46 34.81 1.95
CA LYS A 42 -12.50 34.16 2.74
C LYS A 42 -12.42 34.49 4.21
N SER A 43 -13.55 34.64 4.90
CA SER A 43 -13.49 34.97 6.32
C SER A 43 -13.16 33.80 7.20
N ASP A 44 -12.61 34.08 8.36
CA ASP A 44 -12.38 33.00 9.32
C ASP A 44 -13.68 32.17 9.56
N LEU A 45 -14.84 32.81 9.61
CA LEU A 45 -16.10 32.12 9.91
C LEU A 45 -16.47 31.15 8.76
N LEU A 46 -16.35 31.57 7.51
CA LEU A 46 -16.61 30.66 6.46
C LEU A 46 -15.63 29.44 6.54
N LEU A 47 -14.34 29.73 6.70
CA LEU A 47 -13.38 28.65 6.71
C LEU A 47 -13.61 27.70 7.85
N ARG A 48 -14.10 28.21 8.99
CA ARG A 48 -14.45 27.31 10.10
C ARG A 48 -15.72 26.56 9.95
N SER A 49 -16.71 27.20 9.31
CA SER A 49 -18.08 26.68 9.18
C SER A 49 -18.17 25.65 8.13
N ASN A 50 -17.38 25.76 7.05
CA ASN A 50 -17.31 24.73 5.98
C ASN A 50 -15.82 24.35 5.71
N PRO A 51 -15.14 23.68 6.64
CA PRO A 51 -13.69 23.39 6.50
C PRO A 51 -13.41 22.40 5.44
N VAL A 52 -14.42 21.60 5.10
CA VAL A 52 -14.20 20.59 4.13
C VAL A 52 -14.09 21.17 2.74
N HIS A 53 -15.05 22.02 2.38
CA HIS A 53 -15.05 22.52 1.05
C HIS A 53 -14.63 23.97 0.98
N ARG A 54 -14.86 24.73 2.02
CA ARG A 54 -14.50 26.16 2.03
C ARG A 54 -15.19 26.95 0.95
N LYS A 55 -16.42 26.55 0.68
CA LYS A 55 -17.27 27.15 -0.30
C LYS A 55 -18.55 27.83 0.24
N ILE A 56 -19.12 28.77 -0.54
CA ILE A 56 -20.41 29.27 -0.12
C ILE A 56 -21.38 28.57 -1.03
N PRO A 57 -22.67 28.50 -0.71
CA PRO A 57 -23.29 29.02 0.48
C PRO A 57 -23.20 28.16 1.71
N VAL A 58 -23.26 28.86 2.83
CA VAL A 58 -23.30 28.22 4.09
C VAL A 58 -24.38 28.85 4.84
N LEU A 59 -25.23 28.00 5.38
CA LEU A 59 -26.31 28.47 6.19
C LEU A 59 -26.02 28.17 7.62
N LEU A 60 -26.08 29.19 8.48
CA LEU A 60 -25.88 28.98 9.91
C LEU A 60 -27.24 29.17 10.60
N HIS A 61 -27.66 28.16 11.31
CA HIS A 61 -28.92 28.14 12.03
C HIS A 61 -28.53 28.00 13.48
N ALA A 62 -28.78 29.07 14.23
CA ALA A 62 -28.31 29.23 15.60
C ALA A 62 -26.85 28.82 15.72
N GLY A 63 -26.02 29.30 14.81
CA GLY A 63 -24.59 29.00 14.90
C GLY A 63 -24.12 27.63 14.38
N ARG A 64 -25.01 26.75 13.97
CA ARG A 64 -24.59 25.44 13.43
C ARG A 64 -24.67 25.46 11.91
N PRO A 65 -23.59 25.15 11.22
CA PRO A 65 -23.55 25.22 9.75
C PRO A 65 -24.12 24.03 9.00
N VAL A 66 -24.66 24.33 7.82
CA VAL A 66 -25.17 23.37 6.87
C VAL A 66 -24.63 23.89 5.53
N SER A 67 -23.80 23.08 4.87
CA SER A 67 -23.27 23.38 3.58
C SER A 67 -23.88 22.48 2.49
N GLU A 68 -23.65 22.91 1.25
CA GLU A 68 -24.06 22.27 0.01
C GLU A 68 -25.50 22.68 -0.22
N SER A 69 -25.71 23.50 -1.24
CA SER A 69 -27.00 24.10 -1.51
C SER A 69 -28.16 23.12 -1.48
N LEU A 70 -28.02 21.96 -2.07
CA LEU A 70 -29.20 21.07 -2.13
C LEU A 70 -29.51 20.45 -0.76
N VAL A 71 -28.47 20.33 0.04
CA VAL A 71 -28.57 19.88 1.40
C VAL A 71 -29.31 20.97 2.24
N ILE A 72 -28.93 22.25 2.06
CA ILE A 72 -29.56 23.36 2.75
C ILE A 72 -31.06 23.42 2.34
N LEU A 73 -31.35 23.26 1.05
CA LEU A 73 -32.75 23.23 0.62
C LEU A 73 -33.58 22.13 1.35
N GLN A 74 -33.06 20.94 1.44
CA GLN A 74 -33.79 19.90 2.14
C GLN A 74 -33.90 20.16 3.62
N TYR A 75 -32.86 20.81 4.12
CA TYR A 75 -32.86 21.22 5.52
C TYR A 75 -33.97 22.22 5.82
N LEU A 76 -34.15 23.18 4.93
CA LEU A 76 -35.17 24.19 5.11
C LEU A 76 -36.57 23.56 5.15
N ASP A 77 -36.80 22.42 4.48
CA ASP A 77 -38.05 21.70 4.68
C ASP A 77 -38.00 20.99 6.06
N ASP A 78 -36.91 20.26 6.31
CA ASP A 78 -36.89 19.40 7.50
C ASP A 78 -36.97 20.20 8.77
N ALA A 79 -36.24 21.31 8.79
CA ALA A 79 -36.17 22.10 10.01
C ALA A 79 -37.33 23.05 10.20
N PHE A 80 -38.10 23.33 9.16
CA PHE A 80 -39.22 24.27 9.28
C PHE A 80 -40.45 23.68 8.67
N PRO A 81 -41.02 22.65 9.31
CA PRO A 81 -42.12 21.86 8.74
C PRO A 81 -43.39 22.64 8.58
N GLY A 82 -43.49 23.78 9.24
CA GLY A 82 -44.66 24.62 9.06
C GLY A 82 -44.70 25.53 7.81
N THR A 83 -43.58 25.69 7.11
CA THR A 83 -43.49 26.52 5.91
C THR A 83 -43.78 25.73 4.64
N PRO A 84 -44.19 26.39 3.55
CA PRO A 84 -44.51 25.66 2.33
C PRO A 84 -43.31 24.83 1.93
N HIS A 85 -43.56 23.59 1.54
CA HIS A 85 -42.54 22.59 1.35
C HIS A 85 -42.01 22.60 -0.08
N LEU A 86 -40.74 22.29 -0.24
CA LEU A 86 -40.13 22.19 -1.58
C LEU A 86 -40.32 20.78 -2.13
N LEU A 87 -40.32 19.80 -1.22
CA LEU A 87 -40.57 18.42 -1.59
C LEU A 87 -41.82 17.98 -0.88
N PRO A 88 -42.61 17.10 -1.46
CA PRO A 88 -43.85 16.69 -0.78
C PRO A 88 -43.51 15.89 0.44
N PRO A 89 -44.17 16.10 1.58
CA PRO A 89 -43.93 15.21 2.74
C PRO A 89 -44.40 13.82 2.46
N ALA A 90 -43.57 12.78 2.62
CA ALA A 90 -44.08 11.40 2.51
C ALA A 90 -44.74 11.08 3.85
N ASN A 91 -44.81 12.10 4.71
CA ASN A 91 -45.48 12.08 6.01
C ASN A 91 -47.01 12.10 5.81
N SER A 92 -47.47 11.78 4.60
CA SER A 92 -48.89 11.74 4.27
C SER A 92 -49.21 10.47 3.44
N GLY A 93 -48.31 9.48 3.54
CA GLY A 93 -48.42 8.20 2.86
C GLY A 93 -47.05 7.50 2.71
N ALA A 95 -48.40 9.31 -0.48
CA ALA A 95 -49.25 8.86 -1.59
C ALA A 95 -48.26 8.40 -2.66
N ASP A 96 -48.19 9.10 -3.79
CA ASP A 96 -47.05 8.88 -4.66
C ASP A 96 -45.86 9.76 -4.21
N ALA A 97 -45.96 10.28 -2.99
CA ALA A 97 -44.99 11.15 -2.40
C ALA A 97 -43.58 10.58 -2.51
N ALA A 98 -43.41 9.33 -2.13
CA ALA A 98 -42.09 8.74 -2.14
C ALA A 98 -41.45 8.80 -3.53
N TYR A 99 -42.24 8.46 -4.52
CA TYR A 99 -41.69 8.41 -5.85
C TYR A 99 -41.43 9.85 -6.38
N ALA A 100 -42.33 10.76 -6.04
CA ALA A 100 -42.20 12.15 -6.46
C ALA A 100 -40.93 12.78 -5.81
N ARG A 101 -40.73 12.49 -4.51
CA ARG A 101 -39.46 12.92 -3.92
C ARG A 101 -38.21 12.39 -4.63
N ALA A 102 -38.21 11.11 -5.01
CA ALA A 102 -37.06 10.51 -5.63
C ALA A 102 -36.84 11.20 -6.99
N THR A 103 -37.91 11.39 -7.76
CA THR A 103 -37.82 12.09 -9.03
C THR A 103 -37.27 13.50 -8.91
N ALA A 104 -37.71 14.20 -7.90
CA ALA A 104 -37.20 15.54 -7.63
C ALA A 104 -35.74 15.54 -7.24
N ARG A 105 -35.30 14.59 -6.41
CA ARG A 105 -33.90 14.55 -6.10
C ARG A 105 -33.05 14.17 -7.29
N PHE A 106 -33.55 13.25 -8.13
CA PHE A 106 -32.83 12.90 -9.33
C PHE A 106 -32.55 14.17 -10.22
N TRP A 107 -33.58 14.96 -10.43
CA TRP A 107 -33.50 16.09 -11.38
C TRP A 107 -32.66 17.26 -10.74
N ALA A 108 -32.76 17.43 -9.44
CA ALA A 108 -31.92 18.45 -8.76
C ALA A 108 -30.51 17.99 -8.88
N ASP A 109 -30.29 16.68 -8.65
CA ASP A 109 -28.92 16.15 -8.84
C ASP A 109 -28.41 16.41 -10.29
N TYR A 110 -29.31 16.25 -11.27
CA TYR A 110 -28.95 16.39 -12.65
C TYR A 110 -28.53 17.88 -12.89
N VAL A 111 -29.29 18.80 -12.33
CA VAL A 111 -28.89 20.22 -12.37
C VAL A 111 -27.50 20.47 -11.77
N ASP A 112 -27.27 19.92 -10.61
CA ASP A 112 -25.95 20.09 -10.02
C ASP A 112 -24.85 19.51 -10.90
N ARG A 113 -25.15 18.40 -11.58
CA ARG A 113 -24.14 17.75 -12.39
C ARG A 113 -23.90 18.46 -13.70
N LYS A 114 -24.86 19.23 -14.24
CA LYS A 114 -24.72 19.71 -15.58
C LYS A 114 -24.52 21.26 -15.79
N LEU A 115 -25.28 22.06 -15.04
CA LEU A 115 -25.44 23.47 -15.38
C LEU A 115 -24.15 24.25 -15.13
N TYR A 116 -23.71 24.21 -13.92
CA TYR A 116 -22.55 25.00 -13.58
C TYR A 116 -21.35 24.63 -14.41
N ASP A 117 -21.01 23.36 -14.45
CA ASP A 117 -19.80 22.95 -15.16
C ASP A 117 -19.92 23.12 -16.65
N CYS A 118 -21.06 22.74 -17.20
CA CYS A 118 -21.20 22.78 -18.61
C CYS A 118 -21.35 24.19 -19.08
N GLY A 119 -21.95 25.02 -18.23
CA GLY A 119 -22.02 26.41 -18.55
C GLY A 119 -20.68 27.10 -18.57
N SER A 120 -19.81 26.76 -17.62
CA SER A 120 -18.55 27.41 -17.52
C SER A 120 -17.68 27.20 -18.78
N ARG A 121 -17.80 26.03 -19.39
CA ARG A 121 -17.06 25.77 -20.62
C ARG A 121 -17.38 26.79 -21.68
N LEU A 122 -18.59 27.36 -21.66
CA LEU A 122 -18.98 28.27 -22.74
C LEU A 122 -18.13 29.55 -22.68
N TRP A 123 -17.64 29.91 -21.51
CA TRP A 123 -16.82 31.11 -21.53
C TRP A 123 -15.37 30.85 -21.32
N ARG A 124 -15.05 29.59 -21.03
CA ARG A 124 -13.65 29.17 -20.90
C ARG A 124 -13.08 28.77 -22.25
N LEU A 125 -13.91 28.33 -23.16
CA LEU A 125 -13.45 27.87 -24.44
C LEU A 125 -13.70 28.93 -25.50
N LYS A 126 -13.14 28.75 -26.72
CA LYS A 126 -13.39 29.65 -27.84
C LYS A 126 -13.55 28.84 -29.14
N GLY A 127 -13.88 29.53 -30.23
CA GLY A 127 -14.09 28.91 -31.53
C GLY A 127 -14.92 27.63 -31.52
N GLU A 128 -14.47 26.60 -32.26
CA GLU A 128 -15.21 25.35 -32.39
C GLU A 128 -15.41 24.62 -31.08
N PRO A 129 -14.41 24.54 -30.23
CA PRO A 129 -14.65 23.87 -28.96
C PRO A 129 -15.83 24.55 -28.18
N GLN A 130 -15.86 25.86 -28.28
CA GLN A 130 -16.92 26.66 -27.68
C GLN A 130 -18.31 26.33 -28.26
N ALA A 131 -18.38 26.27 -29.59
CA ALA A 131 -19.56 25.87 -30.32
C ALA A 131 -19.98 24.46 -29.95
N ALA A 132 -19.02 23.58 -29.74
CA ALA A 132 -19.33 22.21 -29.39
C ALA A 132 -19.89 22.22 -27.98
N ALA A 133 -19.27 23.00 -27.11
CA ALA A 133 -19.80 23.08 -25.74
C ALA A 133 -21.23 23.70 -25.76
N GLY A 134 -21.47 24.61 -26.68
CA GLY A 134 -22.77 25.20 -26.89
C GLY A 134 -23.81 24.13 -27.29
N ARG A 135 -23.44 23.20 -28.18
CA ARG A 135 -24.34 22.19 -28.58
C ARG A 135 -24.73 21.26 -27.41
N GLU A 136 -23.79 21.04 -26.53
CA GLU A 136 -24.07 20.14 -25.43
C GLU A 136 -24.99 20.91 -24.48
N MET A 137 -24.76 22.23 -24.32
CA MET A 137 -25.63 23.04 -23.46
C MET A 137 -27.06 23.03 -23.96
N ALA A 138 -27.23 23.23 -25.27
CA ALA A 138 -28.58 23.21 -25.83
C ALA A 138 -29.30 21.89 -25.54
N GLU A 139 -28.60 20.77 -25.65
CA GLU A 139 -29.16 19.47 -25.43
C GLU A 139 -29.50 19.29 -23.96
N ILE A 140 -28.66 19.77 -23.04
CA ILE A 140 -29.00 19.75 -21.60
C ILE A 140 -30.38 20.52 -21.35
N LEU A 141 -30.52 21.65 -22.00
CA LEU A 141 -31.74 22.41 -21.85
C LEU A 141 -32.92 21.66 -22.48
N ARG A 142 -32.66 20.96 -23.58
CA ARG A 142 -33.74 20.17 -24.20
C ARG A 142 -34.13 19.01 -23.30
N THR A 143 -33.16 18.47 -22.59
CA THR A 143 -33.41 17.39 -21.64
C THR A 143 -34.25 17.88 -20.44
N LEU A 144 -33.95 19.07 -19.94
CA LEU A 144 -34.74 19.70 -18.89
C LEU A 144 -36.16 19.94 -19.40
N GLU A 145 -36.21 20.47 -20.61
CA GLU A 145 -37.51 20.76 -21.20
C GLU A 145 -38.39 19.51 -21.25
N ALA A 146 -37.77 18.43 -21.74
CA ALA A 146 -38.46 17.14 -21.85
C ALA A 146 -39.04 16.70 -20.51
N GLU A 147 -38.27 16.90 -19.44
CA GLU A 147 -38.78 16.51 -18.15
C GLU A 147 -39.93 17.39 -17.65
N LEU A 148 -39.85 18.69 -17.91
CA LEU A 148 -40.92 19.60 -17.58
C LEU A 148 -42.26 19.26 -18.30
N GLY A 149 -42.13 18.83 -19.53
CA GLY A 149 -43.27 18.42 -20.31
C GLY A 149 -44.22 19.56 -20.43
N ASP A 150 -45.45 19.33 -20.03
CA ASP A 150 -46.50 20.29 -20.23
C ASP A 150 -46.85 20.95 -18.90
N ARG A 151 -46.06 20.70 -17.85
CA ARG A 151 -46.36 21.28 -16.53
C ARG A 151 -45.93 22.77 -16.41
N GLU A 152 -46.55 23.45 -15.48
CA GLU A 152 -46.30 24.84 -15.18
C GLU A 152 -44.95 24.88 -14.41
N PHE A 153 -44.78 23.92 -13.51
CA PHE A 153 -43.53 23.80 -12.72
C PHE A 153 -42.98 22.37 -12.73
N PHE A 154 -41.66 22.24 -12.44
CA PHE A 154 -41.06 20.93 -12.31
C PHE A 154 -41.71 20.19 -11.22
N GLY A 155 -42.02 20.83 -10.11
CA GLY A 155 -42.78 20.12 -9.09
C GLY A 155 -44.09 19.49 -9.62
N GLY A 156 -44.46 18.35 -9.04
CA GLY A 156 -45.63 17.60 -9.51
C GLY A 156 -46.73 17.15 -8.51
N GLY A 157 -47.70 18.02 -8.21
CA GLY A 157 -47.80 19.32 -8.86
C GLY A 157 -49.12 20.00 -8.58
N GLY A 158 -49.53 20.84 -9.51
CA GLY A 158 -50.75 21.63 -9.35
C GLY A 158 -50.67 22.47 -8.09
N GLY A 159 -49.48 22.62 -7.52
CA GLY A 159 -49.29 23.46 -6.37
C GLY A 159 -49.25 24.93 -6.74
N GLY A 160 -48.97 25.24 -8.01
CA GLY A 160 -48.87 26.62 -8.46
C GLY A 160 -47.68 27.38 -7.87
N ARG A 161 -46.71 26.72 -7.24
CA ARG A 161 -45.54 27.42 -6.74
C ARG A 161 -44.24 26.61 -6.92
N LEU A 162 -43.11 27.26 -6.64
CA LEU A 162 -41.83 26.65 -6.84
C LEU A 162 -41.63 25.39 -6.01
N GLY A 163 -41.21 24.31 -6.65
CA GLY A 163 -40.80 23.11 -6.00
C GLY A 163 -39.25 23.02 -5.89
N PHE A 164 -38.83 21.93 -5.25
CA PHE A 164 -37.38 21.60 -5.16
C PHE A 164 -36.57 21.77 -6.45
N VAL A 165 -36.97 21.15 -7.53
CA VAL A 165 -36.23 21.29 -8.76
C VAL A 165 -36.33 22.66 -9.32
N ASP A 166 -37.51 23.28 -9.22
CA ASP A 166 -37.65 24.64 -9.73
C ASP A 166 -36.60 25.56 -9.05
N VAL A 167 -36.52 25.45 -7.75
CA VAL A 167 -35.57 26.22 -7.00
C VAL A 167 -34.15 25.91 -7.36
N ALA A 168 -33.82 24.64 -7.51
CA ALA A 168 -32.46 24.27 -7.91
C ALA A 168 -32.05 24.86 -9.26
N LEU A 169 -32.97 24.93 -10.21
CA LEU A 169 -32.60 25.30 -11.57
C LEU A 169 -32.75 26.83 -11.81
N VAL A 170 -33.70 27.44 -11.09
CA VAL A 170 -34.07 28.86 -11.48
C VAL A 170 -32.95 29.89 -11.49
N PRO A 171 -31.99 29.82 -10.59
CA PRO A 171 -30.90 30.79 -10.68
C PRO A 171 -30.14 30.75 -11.99
N PHE A 172 -30.07 29.61 -12.63
CA PHE A 172 -29.38 29.55 -13.86
C PHE A 172 -30.13 30.23 -15.01
N THR A 173 -31.43 30.50 -14.81
CA THR A 173 -32.16 31.25 -15.83
C THR A 173 -31.51 32.65 -16.03
N ALA A 174 -30.83 33.16 -15.00
CA ALA A 174 -30.15 34.41 -15.15
C ALA A 174 -28.86 34.34 -16.02
N TRP A 175 -28.38 33.15 -16.28
CA TRP A 175 -27.24 32.87 -17.11
C TRP A 175 -27.67 32.45 -18.50
N PHE A 176 -28.97 32.31 -18.76
CA PHE A 176 -29.36 31.77 -20.07
C PHE A 176 -28.81 32.69 -21.20
N TYR A 177 -28.89 33.98 -20.96
CA TYR A 177 -28.48 34.98 -21.93
C TYR A 177 -27.04 34.80 -22.24
N SER A 178 -26.20 34.63 -21.22
CA SER A 178 -24.80 34.40 -21.38
C SER A 178 -24.52 33.07 -22.13
N TYR A 179 -25.33 32.05 -21.87
CA TYR A 179 -25.16 30.78 -22.57
C TYR A 179 -25.45 31.02 -24.04
N GLU A 180 -26.48 31.83 -24.31
CA GLU A 180 -26.87 32.19 -25.67
C GLU A 180 -25.82 32.87 -26.47
N ARG A 181 -25.21 33.87 -25.86
CA ARG A 181 -24.23 34.63 -26.58
C ARG A 181 -22.95 33.82 -26.74
N CYS A 182 -22.57 33.07 -25.73
CA CYS A 182 -21.32 32.34 -25.83
C CYS A 182 -21.47 31.03 -26.61
N GLY A 183 -22.61 30.38 -26.48
CA GLY A 183 -22.82 29.12 -27.09
C GLY A 183 -23.39 29.13 -28.51
N GLY A 184 -23.89 30.27 -28.92
CA GLY A 184 -24.37 30.48 -30.26
C GLY A 184 -25.72 29.85 -30.49
N PHE A 185 -26.63 29.91 -29.51
CA PHE A 185 -28.00 29.43 -29.77
C PHE A 185 -28.95 30.34 -28.99
N SER A 186 -30.25 30.12 -29.18
CA SER A 186 -31.34 30.82 -28.49
C SER A 186 -32.17 29.79 -27.69
N VAL A 187 -32.36 30.03 -26.41
CA VAL A 187 -33.13 29.13 -25.60
C VAL A 187 -34.55 29.03 -26.12
N GLU A 188 -35.08 30.16 -26.55
CA GLU A 188 -36.42 30.20 -27.10
C GLU A 188 -36.53 29.19 -28.28
N GLU A 189 -35.58 29.20 -29.21
CA GLU A 189 -35.58 28.22 -30.33
C GLU A 189 -35.34 26.77 -29.93
N VAL A 190 -34.34 26.57 -29.08
CA VAL A 190 -33.93 25.27 -28.75
C VAL A 190 -34.90 24.61 -27.78
N ALA A 191 -35.43 25.37 -26.81
CA ALA A 191 -36.31 24.79 -25.78
C ALA A 191 -37.40 25.77 -25.28
N PRO A 192 -38.34 26.11 -26.17
CA PRO A 192 -39.34 27.15 -25.93
C PRO A 192 -40.12 26.96 -24.61
N ARG A 193 -40.43 25.75 -24.23
CA ARG A 193 -41.15 25.54 -22.99
C ARG A 193 -40.28 25.79 -21.76
N LEU A 194 -38.97 25.62 -21.90
CA LEU A 194 -38.11 25.95 -20.78
C LEU A 194 -38.00 27.48 -20.64
N ALA A 195 -37.96 28.14 -21.77
CA ALA A 195 -37.93 29.58 -21.79
C ALA A 195 -39.20 30.21 -21.16
N ALA A 196 -40.36 29.59 -21.41
CA ALA A 196 -41.63 30.02 -20.88
C ALA A 196 -41.61 29.78 -19.38
N TRP A 197 -41.08 28.62 -18.98
CA TRP A 197 -40.93 28.35 -17.55
C TRP A 197 -40.02 29.43 -16.88
N ALA A 198 -38.93 29.77 -17.55
CA ALA A 198 -38.03 30.79 -16.97
C ALA A 198 -38.78 32.15 -16.84
N ARG A 199 -39.63 32.48 -17.82
CA ARG A 199 -40.38 33.77 -17.76
C ARG A 199 -41.40 33.75 -16.59
N ARG A 200 -42.10 32.62 -16.43
CA ARG A 200 -43.09 32.43 -15.34
C ARG A 200 -42.37 32.57 -13.96
N CYS A 201 -41.30 31.82 -13.79
CA CYS A 201 -40.55 31.92 -12.57
C CYS A 201 -40.09 33.38 -12.31
N GLY A 202 -39.76 34.07 -13.37
CA GLY A 202 -39.19 35.39 -13.28
C GLY A 202 -40.15 36.44 -12.73
N ARG A 203 -41.43 36.09 -12.62
CA ARG A 203 -42.43 36.97 -12.11
C ARG A 203 -42.71 36.76 -10.63
N ILE A 204 -42.13 35.73 -10.12
CA ILE A 204 -42.38 35.37 -8.76
C ILE A 204 -41.47 36.23 -7.85
N ASP A 205 -42.06 36.78 -6.77
CA ASP A 205 -41.36 37.76 -5.89
C ASP A 205 -40.01 37.25 -5.35
N SER A 206 -39.96 36.02 -4.88
CA SER A 206 -38.72 35.51 -4.36
C SER A 206 -37.63 35.55 -5.43
N VAL A 207 -37.99 35.28 -6.67
CA VAL A 207 -37.03 35.18 -7.75
C VAL A 207 -36.63 36.58 -8.19
N VAL A 208 -37.59 37.49 -8.32
CA VAL A 208 -37.34 38.89 -8.63
C VAL A 208 -36.35 39.47 -7.61
N LYS A 209 -36.60 39.19 -6.34
CA LYS A 209 -35.74 39.69 -5.32
C LYS A 209 -34.29 39.22 -5.40
N HIS A 210 -34.12 37.91 -5.56
CA HIS A 210 -32.83 37.34 -5.44
C HIS A 210 -32.01 37.06 -6.71
N LEU A 211 -32.59 37.15 -7.93
CA LEU A 211 -31.75 36.95 -9.08
C LEU A 211 -31.23 38.29 -9.69
N PRO A 212 -29.98 38.37 -10.11
CA PRO A 212 -29.55 39.56 -10.84
C PRO A 212 -30.12 39.46 -12.25
N SER A 213 -29.99 40.55 -13.00
CA SER A 213 -30.49 40.58 -14.34
C SER A 213 -29.56 39.78 -15.28
N PRO A 214 -30.07 39.32 -16.39
CA PRO A 214 -29.16 38.64 -17.35
C PRO A 214 -27.99 39.50 -17.79
N GLU A 215 -28.18 40.83 -17.86
CA GLU A 215 -27.13 41.69 -18.33
C GLU A 215 -26.05 41.80 -17.26
N LYS A 216 -26.44 41.87 -16.01
CA LYS A 216 -25.43 41.89 -14.99
C LYS A 216 -24.58 40.61 -14.95
N VAL A 217 -25.22 39.48 -15.18
CA VAL A 217 -24.51 38.21 -15.24
C VAL A 217 -23.63 38.16 -16.44
N TYR A 218 -24.08 38.70 -17.55
CA TYR A 218 -23.23 38.65 -18.76
C TYR A 218 -21.96 39.47 -18.56
N ASP A 219 -22.09 40.57 -17.82
CA ASP A 219 -20.97 41.41 -17.48
C ASP A 219 -20.01 40.69 -16.55
N PHE A 220 -20.54 39.95 -15.62
CA PHE A 220 -19.67 39.12 -14.75
C PHE A 220 -18.95 38.03 -15.62
N VAL A 221 -19.66 37.41 -16.57
CA VAL A 221 -19.05 36.37 -17.37
C VAL A 221 -17.90 37.01 -18.13
N GLY A 222 -18.09 38.27 -18.45
CA GLY A 222 -17.08 39.05 -19.09
C GLY A 222 -15.84 39.12 -18.22
N VAL A 223 -15.97 39.37 -16.91
CA VAL A 223 -14.76 39.39 -16.11
C VAL A 223 -14.24 37.98 -16.03
N LEU A 224 -15.09 36.99 -15.83
CA LEU A 224 -14.57 35.63 -15.79
C LEU A 224 -13.77 35.29 -17.07
N LYS A 225 -14.25 35.68 -18.25
CA LYS A 225 -13.64 35.33 -19.53
C LYS A 225 -12.23 35.88 -19.60
N LYS A 226 -11.97 36.98 -18.90
CA LYS A 226 -10.62 37.54 -18.82
C LYS A 226 -9.81 36.84 -17.71
N LYS A 227 -10.43 36.62 -16.55
CA LYS A 227 -9.75 35.99 -15.40
C LYS A 227 -9.20 34.60 -15.60
N TYR A 228 -9.18 34.10 -16.83
CA TYR A 228 -8.70 32.75 -17.03
C TYR A 228 -7.52 32.65 -17.98
N GLY A 229 -7.63 33.26 -19.15
CA GLY A 229 -6.57 33.17 -20.15
C GLY A 229 -5.32 34.01 -19.91
N VAL A 230 -5.50 35.31 -19.66
CA VAL A 230 -4.39 36.26 -19.52
C VAL A 230 -3.49 35.92 -18.33
N GLU B 3 -39.79 -7.79 -13.34
CA GLU B 3 -40.93 -7.48 -12.48
C GLU B 3 -41.67 -8.71 -11.93
N GLU B 4 -40.98 -9.81 -11.58
CA GLU B 4 -41.63 -10.88 -10.79
C GLU B 4 -41.92 -10.33 -9.34
N LYS B 5 -40.93 -10.31 -8.44
CA LYS B 5 -41.15 -9.60 -7.15
C LYS B 5 -41.14 -8.05 -7.32
N GLU B 6 -41.69 -7.32 -6.34
CA GLU B 6 -41.89 -5.86 -6.29
C GLU B 6 -40.62 -5.09 -6.70
N LEU B 7 -39.48 -5.54 -6.19
CA LEU B 7 -38.21 -4.84 -6.38
C LEU B 7 -37.23 -5.59 -7.29
N VAL B 8 -36.78 -4.90 -8.33
CA VAL B 8 -35.81 -5.35 -9.29
C VAL B 8 -34.64 -4.36 -9.30
N LEU B 9 -33.43 -4.87 -9.13
CA LEU B 9 -32.26 -4.02 -9.10
C LEU B 9 -31.38 -4.35 -10.30
N LEU B 10 -31.21 -3.40 -11.18
CA LEU B 10 -30.32 -3.53 -12.28
C LEU B 10 -28.93 -3.12 -11.78
N ASP B 11 -27.92 -3.95 -11.96
CA ASP B 11 -26.64 -3.70 -11.27
C ASP B 11 -25.45 -4.34 -11.97
N PHE B 12 -24.29 -4.23 -11.36
CA PHE B 12 -23.05 -4.76 -11.92
C PHE B 12 -22.31 -5.24 -10.68
N TRP B 13 -21.84 -6.44 -10.74
CA TRP B 13 -21.43 -7.14 -9.55
C TRP B 13 -20.47 -6.43 -8.64
N VAL B 14 -19.48 -5.77 -9.16
CA VAL B 14 -18.47 -5.12 -8.34
C VAL B 14 -18.75 -3.63 -8.07
N SER B 15 -19.89 -3.11 -8.49
CA SER B 15 -20.15 -1.69 -8.33
C SER B 15 -20.37 -1.33 -6.88
N PRO B 16 -19.59 -0.42 -6.34
CA PRO B 16 -19.84 0.02 -4.97
C PRO B 16 -21.16 0.75 -4.85
N PHE B 17 -21.63 1.42 -5.92
CA PHE B 17 -22.95 2.09 -5.89
C PHE B 17 -24.14 1.17 -5.84
N GLY B 18 -24.13 0.10 -6.61
CA GLY B 18 -25.13 -0.95 -6.47
C GLY B 18 -25.11 -1.68 -5.15
N GLN B 19 -23.90 -1.87 -4.65
CA GLN B 19 -23.68 -2.58 -3.38
C GLN B 19 -24.33 -1.78 -2.29
N ARG B 20 -24.33 -0.43 -2.38
CA ARG B 20 -25.08 0.32 -1.39
C ARG B 20 -26.55 -0.09 -1.35
N CYS B 21 -27.17 -0.21 -2.51
CA CYS B 21 -28.59 -0.55 -2.57
C CYS B 21 -28.91 -1.97 -2.03
N ARG B 22 -28.07 -2.92 -2.42
CA ARG B 22 -28.16 -4.29 -1.94
C ARG B 22 -28.08 -4.32 -0.41
N ILE B 23 -27.11 -3.60 0.16
CA ILE B 23 -26.94 -3.56 1.59
C ILE B 23 -28.19 -2.95 2.25
N ALA B 24 -28.68 -1.84 1.66
CA ALA B 24 -29.81 -1.12 2.23
C ALA B 24 -31.03 -2.00 2.26
N MET B 25 -31.29 -2.68 1.16
CA MET B 25 -32.47 -3.62 1.12
C MET B 25 -32.30 -4.80 2.14
N ALA B 26 -31.08 -5.33 2.25
CA ALA B 26 -30.83 -6.43 3.12
C ALA B 26 -31.06 -5.90 4.53
N GLU B 27 -30.52 -4.74 4.86
CA GLU B 27 -30.80 -4.15 6.16
C GLU B 27 -32.24 -3.97 6.47
N LYS B 28 -33.04 -3.67 5.45
CA LYS B 28 -34.47 -3.44 5.63
C LYS B 28 -35.33 -4.68 5.55
N GLY B 29 -34.76 -5.85 5.22
CA GLY B 29 -35.52 -7.09 5.12
C GLY B 29 -36.24 -7.13 3.80
N LEU B 30 -35.78 -6.39 2.78
CA LEU B 30 -36.55 -6.34 1.55
C LEU B 30 -35.96 -7.22 0.53
N GLU B 31 -36.70 -8.19 0.02
CA GLU B 31 -36.17 -9.08 -0.98
C GLU B 31 -36.18 -8.33 -2.29
N PHE B 32 -35.34 -8.72 -3.21
CA PHE B 32 -35.34 -8.07 -4.49
C PHE B 32 -34.76 -9.02 -5.49
N GLU B 33 -35.07 -8.86 -6.76
CA GLU B 33 -34.45 -9.61 -7.85
C GLU B 33 -33.24 -8.85 -8.40
N TYR B 34 -32.10 -9.53 -8.45
CA TYR B 34 -30.85 -8.96 -8.87
C TYR B 34 -30.63 -9.29 -10.33
N ARG B 35 -30.33 -8.28 -11.15
CA ARG B 35 -30.02 -8.53 -12.54
C ARG B 35 -28.71 -7.93 -12.93
N GLU B 36 -27.83 -8.75 -13.49
CA GLU B 36 -26.52 -8.31 -13.93
C GLU B 36 -26.56 -7.67 -15.32
N GLU B 37 -26.01 -6.47 -15.40
CA GLU B 37 -25.97 -5.74 -16.67
C GLU B 37 -24.57 -5.86 -17.22
N ASP B 38 -24.47 -6.05 -18.51
CA ASP B 38 -23.21 -6.03 -19.18
C ASP B 38 -23.06 -4.59 -19.64
N LEU B 39 -22.14 -3.87 -19.05
CA LEU B 39 -21.97 -2.48 -19.34
C LEU B 39 -21.58 -2.19 -20.81
N GLY B 40 -21.00 -3.18 -21.51
CA GLY B 40 -20.71 -3.05 -22.93
C GLY B 40 -21.90 -3.45 -23.80
N ASN B 41 -22.99 -3.88 -23.18
CA ASN B 41 -24.16 -4.31 -23.91
C ASN B 41 -25.40 -4.11 -23.04
N LYS B 42 -25.72 -2.84 -22.78
CA LYS B 42 -26.76 -2.50 -21.82
C LYS B 42 -28.10 -3.04 -22.24
N SER B 43 -28.87 -3.53 -21.30
CA SER B 43 -30.21 -4.01 -21.66
C SER B 43 -31.19 -2.93 -22.12
N ASP B 44 -32.15 -3.33 -22.96
CA ASP B 44 -33.14 -2.38 -23.37
C ASP B 44 -33.86 -1.88 -22.11
N LEU B 45 -34.02 -2.75 -21.15
CA LEU B 45 -34.70 -2.33 -19.95
C LEU B 45 -33.91 -1.20 -19.21
N LEU B 46 -32.60 -1.33 -19.17
CA LEU B 46 -31.79 -0.33 -18.49
C LEU B 46 -31.85 0.99 -19.29
N LEU B 47 -31.60 0.91 -20.58
CA LEU B 47 -31.65 2.14 -21.43
C LEU B 47 -32.97 2.90 -21.35
N ARG B 48 -34.05 2.15 -21.18
CA ARG B 48 -35.37 2.72 -21.12
C ARG B 48 -35.67 3.32 -19.72
N SER B 49 -35.19 2.65 -18.68
CA SER B 49 -35.45 3.03 -17.31
C SER B 49 -34.58 4.19 -16.77
N ASN B 50 -33.32 4.26 -17.22
CA ASN B 50 -32.43 5.40 -16.88
C ASN B 50 -31.89 6.01 -18.17
N PRO B 51 -32.76 6.58 -18.96
CA PRO B 51 -32.31 7.09 -20.25
C PRO B 51 -31.41 8.27 -20.13
N VAL B 52 -31.49 9.00 -19.02
CA VAL B 52 -30.65 10.21 -18.92
C VAL B 52 -29.18 9.90 -18.76
N HIS B 53 -28.87 9.02 -17.82
CA HIS B 53 -27.48 8.67 -17.57
C HIS B 53 -27.08 7.27 -18.11
N ARG B 54 -28.03 6.34 -18.23
CA ARG B 54 -27.74 4.96 -18.72
C ARG B 54 -26.76 4.23 -17.83
N LYS B 55 -26.91 4.40 -16.53
CA LYS B 55 -26.00 3.85 -15.59
C LYS B 55 -26.76 3.02 -14.57
N ILE B 56 -26.06 2.11 -13.91
CA ILE B 56 -26.62 1.28 -12.82
C ILE B 56 -26.06 1.88 -11.61
N PRO B 57 -26.62 1.64 -10.45
CA PRO B 57 -27.81 0.86 -10.24
C PRO B 57 -29.10 1.58 -10.66
N VAL B 58 -30.08 0.77 -11.01
CA VAL B 58 -31.43 1.25 -11.14
C VAL B 58 -32.30 0.32 -10.35
N LEU B 59 -33.17 0.89 -9.56
CA LEU B 59 -34.14 0.14 -8.80
C LEU B 59 -35.49 0.33 -9.44
N LEU B 60 -36.15 -0.76 -9.75
CA LEU B 60 -37.49 -0.68 -10.32
C LEU B 60 -38.42 -1.22 -9.29
N HIS B 61 -39.25 -0.37 -8.75
CA HIS B 61 -40.26 -0.71 -7.79
C HIS B 61 -41.60 -0.78 -8.58
N ALA B 62 -42.08 -2.00 -8.73
CA ALA B 62 -43.32 -2.30 -9.49
C ALA B 62 -43.25 -1.61 -10.82
N GLY B 63 -42.10 -1.71 -11.47
CA GLY B 63 -41.93 -1.15 -12.79
C GLY B 63 -41.55 0.32 -12.87
N ARG B 64 -41.55 1.05 -11.74
CA ARG B 64 -41.10 2.45 -11.77
C ARG B 64 -39.63 2.59 -11.35
N PRO B 65 -38.81 3.24 -12.18
CA PRO B 65 -37.39 3.34 -11.96
C PRO B 65 -36.99 4.43 -11.03
N VAL B 66 -36.01 4.11 -10.20
CA VAL B 66 -35.42 5.13 -9.36
C VAL B 66 -33.90 4.96 -9.58
N SER B 67 -33.20 6.02 -9.98
CA SER B 67 -31.77 5.93 -10.27
C SER B 67 -31.00 6.87 -9.37
N GLU B 68 -29.66 6.75 -9.35
CA GLU B 68 -28.75 7.48 -8.46
C GLU B 68 -28.84 6.81 -7.07
N SER B 69 -27.73 6.15 -6.74
CA SER B 69 -27.65 5.35 -5.54
C SER B 69 -28.07 6.12 -4.30
N LEU B 70 -27.64 7.37 -4.11
CA LEU B 70 -28.09 8.10 -2.87
C LEU B 70 -29.58 8.41 -2.86
N VAL B 71 -30.12 8.62 -4.06
CA VAL B 71 -31.53 8.81 -4.29
C VAL B 71 -32.32 7.51 -3.92
N ILE B 72 -31.80 6.37 -4.37
CA ILE B 72 -32.36 5.09 -4.10
C ILE B 72 -32.37 4.82 -2.61
N LEU B 73 -31.28 5.10 -1.93
CA LEU B 73 -31.28 4.91 -0.51
C LEU B 73 -32.36 5.72 0.18
N GLN B 74 -32.57 6.97 -0.20
CA GLN B 74 -33.58 7.76 0.42
C GLN B 74 -35.00 7.28 0.05
N TYR B 75 -35.13 6.77 -1.14
CA TYR B 75 -36.38 6.21 -1.61
C TYR B 75 -36.77 5.00 -0.72
N LEU B 76 -35.79 4.15 -0.43
CA LEU B 76 -36.03 2.96 0.38
C LEU B 76 -36.53 3.34 1.81
N ASP B 77 -36.11 4.45 2.36
CA ASP B 77 -36.69 4.89 3.65
C ASP B 77 -38.13 5.39 3.38
N ASP B 78 -38.22 6.32 2.42
CA ASP B 78 -39.49 6.98 2.10
C ASP B 78 -40.62 6.01 1.69
N ALA B 79 -40.27 4.96 0.98
CA ALA B 79 -41.26 4.09 0.40
C ALA B 79 -41.56 2.93 1.30
N PHE B 80 -40.74 2.75 2.33
CA PHE B 80 -40.90 1.61 3.24
C PHE B 80 -40.70 2.10 4.66
N PRO B 81 -41.59 2.95 5.09
CA PRO B 81 -41.39 3.62 6.39
C PRO B 81 -41.39 2.71 7.58
N GLY B 82 -41.79 1.46 7.43
CA GLY B 82 -41.81 0.59 8.60
C GLY B 82 -40.50 -0.10 8.85
N THR B 83 -39.61 -0.01 7.88
CA THR B 83 -38.37 -0.71 8.00
C THR B 83 -37.37 0.21 8.68
N PRO B 84 -36.32 -0.39 9.19
CA PRO B 84 -35.24 0.32 9.87
C PRO B 84 -34.69 1.48 9.02
N HIS B 85 -34.64 2.69 9.57
CA HIS B 85 -34.35 3.89 8.76
C HIS B 85 -32.89 4.15 8.57
N LEU B 86 -32.51 4.60 7.39
CA LEU B 86 -31.11 5.06 7.21
C LEU B 86 -30.91 6.49 7.68
N LEU B 87 -31.97 7.28 7.63
CA LEU B 87 -31.90 8.67 8.13
C LEU B 87 -32.98 8.82 9.18
N PRO B 88 -32.74 9.52 10.28
CA PRO B 88 -33.79 9.63 11.29
C PRO B 88 -34.95 10.41 10.78
N PRO B 89 -36.18 10.05 11.08
CA PRO B 89 -37.33 10.81 10.57
C PRO B 89 -37.41 12.21 11.10
N ALA B 90 -37.52 13.19 10.20
CA ALA B 90 -37.57 14.61 10.56
C ALA B 90 -38.64 14.93 11.59
N ASN B 91 -39.90 14.64 11.32
CA ASN B 91 -40.87 14.93 12.36
C ASN B 91 -41.30 13.71 13.21
N SER B 92 -41.20 12.49 12.66
CA SER B 92 -41.43 11.31 13.51
C SER B 92 -40.25 11.13 14.45
N ASP B 94 -32.69 12.85 17.21
CA ASP B 94 -33.29 13.37 18.44
C ASP B 94 -34.43 14.33 18.03
N ALA B 95 -34.49 15.54 18.58
CA ALA B 95 -35.37 16.55 17.98
C ALA B 95 -34.40 17.42 17.18
N ASP B 96 -33.21 16.84 17.02
CA ASP B 96 -32.15 17.37 16.20
C ASP B 96 -32.10 16.53 14.95
N ALA B 97 -33.20 15.90 14.63
CA ALA B 97 -33.25 15.06 13.46
C ALA B 97 -32.95 15.84 12.16
N ALA B 98 -33.46 17.08 12.07
CA ALA B 98 -33.30 17.86 10.88
C ALA B 98 -31.82 18.08 10.62
N TYR B 99 -31.10 18.47 11.66
CA TYR B 99 -29.68 18.71 11.55
C TYR B 99 -28.91 17.40 11.32
N ALA B 100 -29.37 16.32 11.91
CA ALA B 100 -28.67 15.07 11.71
C ALA B 100 -28.79 14.59 10.30
N ARG B 101 -29.95 14.82 9.73
CA ARG B 101 -30.14 14.48 8.37
C ARG B 101 -29.29 15.27 7.41
N ALA B 102 -29.18 16.58 7.65
CA ALA B 102 -28.36 17.38 6.78
C ALA B 102 -26.93 16.95 6.87
N THR B 103 -26.47 16.70 8.09
CA THR B 103 -25.08 16.21 8.28
C THR B 103 -24.84 14.91 7.51
N ALA B 104 -25.79 14.00 7.60
CA ALA B 104 -25.71 12.72 6.88
C ALA B 104 -25.68 12.89 5.36
N ARG B 105 -26.56 13.76 4.85
CA ARG B 105 -26.55 13.99 3.43
C ARG B 105 -25.23 14.61 2.97
N PHE B 106 -24.74 15.54 3.75
CA PHE B 106 -23.43 16.18 3.48
C PHE B 106 -22.31 15.18 3.34
N TRP B 107 -22.19 14.30 4.31
CA TRP B 107 -21.16 13.29 4.24
C TRP B 107 -21.34 12.24 3.17
N ALA B 108 -22.56 11.86 2.88
CA ALA B 108 -22.77 10.93 1.79
C ALA B 108 -22.36 11.57 0.48
N ASP B 109 -22.63 12.86 0.33
CA ASP B 109 -22.24 13.59 -0.86
C ASP B 109 -20.71 13.67 -0.95
N TYR B 110 -20.11 13.91 0.19
CA TYR B 110 -18.64 13.87 0.24
C TYR B 110 -18.08 12.54 -0.26
N VAL B 111 -18.63 11.44 0.19
CA VAL B 111 -18.16 10.17 -0.34
C VAL B 111 -18.31 10.11 -1.87
N ASP B 112 -19.43 10.55 -2.38
CA ASP B 112 -19.65 10.46 -3.82
C ASP B 112 -18.73 11.37 -4.62
N ARG B 113 -18.37 12.49 -4.00
CA ARG B 113 -17.62 13.51 -4.71
C ARG B 113 -16.16 13.12 -4.70
N LYS B 114 -15.72 12.36 -3.69
CA LYS B 114 -14.29 12.01 -3.57
C LYS B 114 -13.83 10.57 -3.85
N LEU B 115 -14.59 9.59 -3.37
CA LEU B 115 -14.12 8.23 -3.34
C LEU B 115 -14.00 7.65 -4.67
N TYR B 116 -15.09 7.71 -5.40
CA TYR B 116 -15.01 7.06 -6.65
C TYR B 116 -13.90 7.69 -7.48
N ASP B 117 -13.92 9.01 -7.57
CA ASP B 117 -13.07 9.70 -8.54
C ASP B 117 -11.59 9.62 -8.17
N CYS B 118 -11.29 9.96 -6.92
CA CYS B 118 -9.93 9.84 -6.40
C CYS B 118 -9.37 8.43 -6.48
N GLY B 119 -10.21 7.46 -6.18
CA GLY B 119 -9.84 6.06 -6.29
C GLY B 119 -9.49 5.56 -7.67
N SER B 120 -10.28 5.88 -8.70
CA SER B 120 -10.04 5.45 -10.11
C SER B 120 -8.64 5.83 -10.59
N ARG B 121 -8.30 7.10 -10.35
CA ARG B 121 -6.98 7.60 -10.67
C ARG B 121 -5.87 6.65 -10.15
N LEU B 122 -6.11 6.00 -9.01
CA LEU B 122 -5.05 5.16 -8.45
C LEU B 122 -4.63 3.98 -9.33
N TRP B 123 -5.57 3.36 -10.04
CA TRP B 123 -5.17 2.31 -10.98
C TRP B 123 -4.92 2.84 -12.38
N ARG B 124 -5.67 3.88 -12.77
CA ARG B 124 -5.50 4.51 -14.08
C ARG B 124 -4.05 5.02 -14.31
N LEU B 125 -3.55 5.87 -13.40
CA LEU B 125 -2.22 6.48 -13.51
C LEU B 125 -1.14 5.57 -12.99
N LYS B 126 0.11 5.79 -13.37
CA LYS B 126 1.19 4.86 -13.01
C LYS B 126 2.45 5.40 -12.31
N GLY B 127 2.62 6.72 -12.14
CA GLY B 127 3.90 7.21 -11.56
C GLY B 127 3.83 8.16 -10.38
N GLU B 128 4.48 9.33 -10.51
CA GLU B 128 4.36 10.41 -9.50
C GLU B 128 2.91 10.96 -9.45
N PRO B 129 2.23 11.05 -10.57
CA PRO B 129 0.77 11.34 -10.54
C PRO B 129 -0.03 10.29 -9.71
N GLN B 130 0.23 9.01 -9.92
CA GLN B 130 -0.34 7.96 -9.08
C GLN B 130 -0.05 8.33 -7.59
N ALA B 131 1.22 8.54 -7.29
CA ALA B 131 1.69 8.96 -5.96
C ALA B 131 0.86 10.12 -5.44
N ALA B 132 0.76 11.18 -6.20
CA ALA B 132 -0.12 12.30 -5.84
C ALA B 132 -1.52 11.84 -5.54
N ALA B 133 -2.13 11.01 -6.39
CA ALA B 133 -3.48 10.58 -6.11
C ALA B 133 -3.50 9.92 -4.71
N GLY B 134 -2.45 9.16 -4.48
CA GLY B 134 -2.22 8.48 -3.23
C GLY B 134 -2.38 9.40 -2.06
N ARG B 135 -1.71 10.52 -2.15
CA ARG B 135 -1.64 11.48 -1.07
C ARG B 135 -2.99 12.01 -0.75
N GLU B 136 -3.72 12.30 -1.81
CA GLU B 136 -5.06 12.85 -1.62
C GLU B 136 -6.05 11.83 -1.02
N MET B 137 -6.01 10.59 -1.47
CA MET B 137 -6.88 9.60 -0.91
C MET B 137 -6.63 9.50 0.63
N ALA B 138 -5.38 9.56 1.02
CA ALA B 138 -5.05 9.41 2.45
C ALA B 138 -5.71 10.54 3.27
N GLU B 139 -5.69 11.74 2.74
CA GLU B 139 -6.32 12.88 3.46
C GLU B 139 -7.87 12.77 3.51
N ILE B 140 -8.46 12.21 2.46
CA ILE B 140 -9.85 11.98 2.37
C ILE B 140 -10.25 10.97 3.43
N LEU B 141 -9.44 9.93 3.61
CA LEU B 141 -9.81 8.87 4.53
C LEU B 141 -9.59 9.43 5.90
N ARG B 142 -8.52 10.21 6.04
CA ARG B 142 -8.34 10.92 7.29
C ARG B 142 -9.50 11.84 7.66
N THR B 143 -10.07 12.54 6.69
CA THR B 143 -11.21 13.43 6.96
C THR B 143 -12.49 12.69 7.34
N LEU B 144 -12.68 11.55 6.71
CA LEU B 144 -13.81 10.73 7.12
C LEU B 144 -13.57 10.23 8.53
N GLU B 145 -12.32 9.87 8.82
CA GLU B 145 -12.01 9.44 10.18
C GLU B 145 -12.36 10.46 11.29
N ALA B 146 -11.95 11.67 11.06
CA ALA B 146 -12.28 12.75 12.01
C ALA B 146 -13.80 12.94 12.12
N GLU B 147 -14.59 12.75 11.06
CA GLU B 147 -16.06 12.90 11.25
C GLU B 147 -16.67 11.74 12.09
N LEU B 148 -16.13 10.53 11.92
CA LEU B 148 -16.58 9.42 12.72
C LEU B 148 -16.22 9.63 14.18
N GLY B 149 -15.04 10.17 14.43
CA GLY B 149 -14.60 10.42 15.77
C GLY B 149 -14.58 9.11 16.57
N ASP B 150 -15.07 9.14 17.79
CA ASP B 150 -15.05 7.94 18.58
C ASP B 150 -16.33 7.14 18.48
N ARG B 151 -17.15 7.43 17.49
CA ARG B 151 -18.44 6.74 17.42
C ARG B 151 -18.35 5.36 16.78
N GLU B 152 -19.31 4.55 17.10
CA GLU B 152 -19.36 3.23 16.52
C GLU B 152 -19.80 3.34 15.07
N PHE B 153 -20.81 4.12 14.74
CA PHE B 153 -21.20 4.25 13.36
C PHE B 153 -21.30 5.76 12.94
N PHE B 154 -21.21 6.08 11.66
CA PHE B 154 -21.42 7.45 11.29
C PHE B 154 -22.85 7.91 11.64
N GLY B 155 -23.77 6.97 11.58
CA GLY B 155 -25.15 7.18 11.89
C GLY B 155 -25.36 7.29 13.37
N GLY B 156 -26.48 7.91 13.74
CA GLY B 156 -26.83 8.15 15.14
C GLY B 156 -25.81 7.62 16.15
N GLY B 157 -25.95 6.34 16.46
CA GLY B 157 -25.15 5.72 17.50
C GLY B 157 -26.23 5.34 18.47
N GLY B 158 -25.98 4.43 19.41
CA GLY B 158 -27.08 3.90 20.21
C GLY B 158 -28.09 3.55 19.13
N GLY B 159 -28.20 2.26 18.83
CA GLY B 159 -29.03 1.77 17.72
C GLY B 159 -28.23 0.57 17.25
N GLY B 160 -26.93 0.83 17.07
CA GLY B 160 -25.99 -0.20 16.75
C GLY B 160 -26.15 -0.72 15.34
N ARG B 161 -26.48 0.16 14.40
CA ARG B 161 -26.62 -0.32 13.07
C ARG B 161 -26.26 0.73 12.03
N LEU B 162 -26.04 0.26 10.82
CA LEU B 162 -25.63 1.12 9.73
C LEU B 162 -26.64 2.25 9.46
N GLY B 163 -26.22 3.50 9.31
CA GLY B 163 -27.12 4.58 8.85
C GLY B 163 -26.69 4.97 7.42
N PHE B 164 -27.26 6.08 6.95
CA PHE B 164 -27.08 6.54 5.62
C PHE B 164 -25.64 6.62 5.24
N VAL B 165 -24.83 7.26 6.05
CA VAL B 165 -23.45 7.45 5.68
C VAL B 165 -22.66 6.13 5.74
N ASP B 166 -22.95 5.29 6.71
CA ASP B 166 -22.31 3.98 6.73
C ASP B 166 -22.53 3.18 5.47
N VAL B 167 -23.77 3.16 5.00
CA VAL B 167 -24.10 2.40 3.87
C VAL B 167 -23.47 3.05 2.67
N ALA B 168 -23.40 4.37 2.63
CA ALA B 168 -22.78 5.04 1.45
C ALA B 168 -21.29 4.72 1.21
N LEU B 169 -20.61 4.64 2.33
CA LEU B 169 -19.19 4.47 2.38
C LEU B 169 -18.72 3.02 2.47
N VAL B 170 -19.45 2.18 3.19
CA VAL B 170 -19.02 0.78 3.42
C VAL B 170 -18.52 0.01 2.22
N PRO B 171 -19.15 0.09 1.08
CA PRO B 171 -18.62 -0.70 0.01
C PRO B 171 -17.24 -0.30 -0.37
N PHE B 172 -16.87 0.94 -0.10
CA PHE B 172 -15.53 1.36 -0.43
C PHE B 172 -14.51 0.70 0.51
N THR B 173 -14.99 0.09 1.58
CA THR B 173 -14.00 -0.56 2.52
C THR B 173 -13.38 -1.77 1.82
N ALA B 174 -14.08 -2.31 0.85
CA ALA B 174 -13.53 -3.42 0.14
C ALA B 174 -12.40 -2.98 -0.81
N TRP B 175 -12.33 -1.67 -1.06
CA TRP B 175 -11.32 -1.07 -1.96
C TRP B 175 -10.16 -0.51 -1.17
N PHE B 176 -10.24 -0.54 0.16
CA PHE B 176 -9.13 0.04 0.91
C PHE B 176 -7.79 -0.63 0.60
N TYR B 177 -7.73 -1.95 0.59
CA TYR B 177 -6.45 -2.65 0.34
C TYR B 177 -5.83 -2.16 -1.00
N SER B 178 -6.68 -2.07 -2.02
CA SER B 178 -6.29 -1.64 -3.35
C SER B 178 -5.80 -0.18 -3.32
N TYR B 179 -6.46 0.69 -2.57
CA TYR B 179 -5.97 2.07 -2.51
C TYR B 179 -4.59 2.00 -1.85
N GLU B 180 -4.47 1.24 -0.79
CA GLU B 180 -3.18 1.15 -0.07
C GLU B 180 -2.07 0.73 -1.00
N ARG B 181 -2.28 -0.35 -1.73
CA ARG B 181 -1.32 -0.82 -2.69
C ARG B 181 -0.98 0.18 -3.79
N CYS B 182 -2.00 0.80 -4.38
CA CYS B 182 -1.82 1.66 -5.56
C CYS B 182 -1.29 3.06 -5.19
N GLY B 183 -1.69 3.58 -4.04
CA GLY B 183 -1.32 4.91 -3.63
C GLY B 183 -0.22 5.05 -2.58
N GLY B 184 0.48 3.96 -2.23
CA GLY B 184 1.51 4.00 -1.18
C GLY B 184 1.15 4.62 0.17
N PHE B 185 0.24 4.00 0.93
CA PHE B 185 -0.09 4.43 2.31
C PHE B 185 -0.81 3.27 3.01
N SER B 186 -1.02 3.44 4.30
CA SER B 186 -1.70 2.47 5.12
C SER B 186 -2.85 3.16 5.85
N VAL B 187 -4.03 2.58 5.69
CA VAL B 187 -5.22 3.04 6.38
C VAL B 187 -5.02 2.96 7.88
N GLU B 188 -4.41 1.88 8.33
CA GLU B 188 -4.15 1.74 9.74
C GLU B 188 -3.33 2.89 10.24
N GLU B 189 -2.43 3.44 9.42
CA GLU B 189 -1.57 4.54 9.87
C GLU B 189 -2.22 5.89 9.74
N VAL B 190 -2.99 6.08 8.68
CA VAL B 190 -3.63 7.34 8.43
C VAL B 190 -4.99 7.55 9.03
N ALA B 191 -5.75 6.48 9.21
CA ALA B 191 -7.10 6.55 9.75
C ALA B 191 -7.48 5.26 10.54
N PRO B 192 -6.80 4.97 11.66
CA PRO B 192 -7.04 3.72 12.39
C PRO B 192 -8.48 3.56 12.83
N ARG B 193 -9.15 4.63 13.22
CA ARG B 193 -10.50 4.44 13.73
C ARG B 193 -11.46 4.06 12.58
N LEU B 194 -11.08 4.46 11.38
CA LEU B 194 -11.82 4.17 10.19
C LEU B 194 -11.61 2.68 9.87
N ALA B 195 -10.37 2.22 9.97
CA ALA B 195 -10.06 0.79 9.82
C ALA B 195 -10.84 -0.01 10.83
N ALA B 196 -10.95 0.52 12.01
CA ALA B 196 -11.69 -0.19 13.03
C ALA B 196 -13.20 -0.28 12.67
N TRP B 197 -13.72 0.82 12.15
CA TRP B 197 -15.12 0.90 11.74
C TRP B 197 -15.37 -0.09 10.62
N ALA B 198 -14.42 -0.23 9.74
CA ALA B 198 -14.55 -1.12 8.64
C ALA B 198 -14.61 -2.54 9.09
N ARG B 199 -13.84 -2.86 10.12
CA ARG B 199 -13.87 -4.19 10.61
C ARG B 199 -15.19 -4.48 11.27
N ARG B 200 -15.71 -3.53 12.00
CA ARG B 200 -16.97 -3.73 12.70
C ARG B 200 -18.08 -3.91 11.67
N CYS B 201 -18.08 -3.10 10.62
CA CYS B 201 -19.11 -3.24 9.63
C CYS B 201 -19.05 -4.60 8.93
N GLY B 202 -17.85 -5.13 8.84
CA GLY B 202 -17.59 -6.40 8.18
C GLY B 202 -18.08 -7.60 8.93
N ARG B 203 -18.60 -7.41 10.12
CA ARG B 203 -19.24 -8.47 10.83
C ARG B 203 -20.77 -8.43 10.64
N ILE B 204 -21.28 -7.36 10.06
CA ILE B 204 -22.70 -7.21 9.87
C ILE B 204 -23.21 -8.06 8.67
N ASP B 205 -24.36 -8.71 8.84
CA ASP B 205 -24.81 -9.72 7.87
C ASP B 205 -24.87 -9.17 6.43
N SER B 206 -25.47 -8.01 6.28
CA SER B 206 -25.67 -7.40 4.95
C SER B 206 -24.35 -7.15 4.25
N VAL B 207 -23.33 -6.81 5.03
CA VAL B 207 -22.02 -6.47 4.50
C VAL B 207 -21.24 -7.74 4.12
N VAL B 208 -21.28 -8.76 5.01
CA VAL B 208 -20.73 -10.08 4.68
C VAL B 208 -21.30 -10.55 3.36
N LYS B 209 -22.62 -10.44 3.24
CA LYS B 209 -23.27 -10.92 2.01
C LYS B 209 -22.92 -10.16 0.74
N HIS B 210 -22.93 -8.82 0.77
CA HIS B 210 -22.88 -8.11 -0.49
C HIS B 210 -21.52 -7.50 -0.89
N LEU B 211 -20.52 -7.60 -0.04
CA LEU B 211 -19.21 -7.08 -0.44
C LEU B 211 -18.28 -8.18 -0.80
N PRO B 212 -17.52 -8.01 -1.86
CA PRO B 212 -16.46 -8.97 -2.18
C PRO B 212 -15.27 -8.79 -1.23
N SER B 213 -14.37 -9.75 -1.19
CA SER B 213 -13.20 -9.58 -0.39
C SER B 213 -12.25 -8.56 -0.99
N PRO B 214 -11.40 -7.98 -0.16
CA PRO B 214 -10.41 -7.03 -0.67
C PRO B 214 -9.56 -7.66 -1.73
N GLU B 215 -9.26 -8.94 -1.58
CA GLU B 215 -8.39 -9.57 -2.58
C GLU B 215 -9.09 -9.67 -3.90
N LYS B 216 -10.36 -10.02 -3.89
CA LYS B 216 -11.08 -10.13 -5.13
C LYS B 216 -11.17 -8.74 -5.78
N VAL B 217 -11.38 -7.68 -4.98
CA VAL B 217 -11.40 -6.35 -5.58
C VAL B 217 -10.04 -6.04 -6.21
N TYR B 218 -8.99 -6.41 -5.50
CA TYR B 218 -7.66 -6.12 -6.01
C TYR B 218 -7.42 -6.89 -7.33
N ASP B 219 -7.82 -8.16 -7.38
CA ASP B 219 -7.64 -8.92 -8.63
C ASP B 219 -8.32 -8.18 -9.76
N PHE B 220 -9.52 -7.66 -9.47
CA PHE B 220 -10.33 -7.00 -10.47
C PHE B 220 -9.64 -5.75 -10.94
N VAL B 221 -9.02 -5.07 -9.99
CA VAL B 221 -8.25 -3.92 -10.34
C VAL B 221 -7.15 -4.35 -11.32
N GLY B 222 -6.53 -5.49 -11.03
CA GLY B 222 -5.47 -6.02 -11.90
C GLY B 222 -5.96 -6.35 -13.29
N VAL B 223 -7.21 -6.80 -13.39
CA VAL B 223 -7.82 -7.07 -14.68
C VAL B 223 -8.07 -5.74 -15.41
N LEU B 224 -8.54 -4.74 -14.69
CA LEU B 224 -8.72 -3.41 -15.26
C LEU B 224 -7.42 -2.90 -15.87
N LYS B 225 -6.35 -2.99 -15.11
CA LYS B 225 -5.06 -2.48 -15.60
C LYS B 225 -4.59 -3.16 -16.92
N LYS B 226 -4.57 -4.49 -16.90
CA LYS B 226 -4.21 -5.28 -18.06
C LYS B 226 -5.04 -4.83 -19.24
N LYS B 227 -6.19 -4.24 -19.02
CA LYS B 227 -6.93 -3.78 -20.17
C LYS B 227 -6.85 -2.25 -20.40
N GLU C 3 9.58 -1.28 19.57
CA GLU C 3 9.24 -0.76 20.89
C GLU C 3 10.49 -0.14 21.52
N GLU C 4 11.15 -0.90 22.40
CA GLU C 4 12.46 -0.57 22.95
C GLU C 4 13.37 0.48 22.24
N LYS C 5 14.46 0.78 22.94
CA LYS C 5 15.30 1.93 22.65
C LYS C 5 16.76 1.65 22.96
N GLU C 6 17.50 2.71 23.24
CA GLU C 6 18.95 2.67 23.29
C GLU C 6 19.60 2.03 22.06
N LEU C 7 19.46 2.65 20.91
CA LEU C 7 20.02 2.11 19.70
C LEU C 7 21.03 3.11 19.15
N VAL C 8 22.21 2.64 18.79
CA VAL C 8 23.21 3.48 18.17
C VAL C 8 23.74 2.80 16.95
N LEU C 9 23.84 3.51 15.87
CA LEU C 9 24.36 2.92 14.63
C LEU C 9 25.69 3.60 14.19
N LEU C 10 26.74 2.81 14.07
CA LEU C 10 28.07 3.26 13.59
C LEU C 10 28.04 2.99 12.08
N ASP C 11 28.25 4.01 11.27
CA ASP C 11 27.97 3.85 9.83
C ASP C 11 28.82 4.83 8.98
N PHE C 12 28.72 4.76 7.67
CA PHE C 12 29.42 5.59 6.72
C PHE C 12 28.34 5.98 5.74
N TRP C 13 28.23 7.24 5.41
CA TRP C 13 27.01 7.73 4.72
C TRP C 13 26.54 7.04 3.48
N VAL C 14 27.46 6.74 2.59
CA VAL C 14 27.21 6.13 1.32
C VAL C 14 27.13 4.55 1.34
N SER C 15 27.38 3.94 2.50
CA SER C 15 27.43 2.49 2.57
C SER C 15 26.06 1.87 2.31
N PRO C 16 25.97 1.00 1.32
CA PRO C 16 24.71 0.33 1.11
C PRO C 16 24.46 -0.63 2.24
N PHE C 17 25.48 -1.14 2.89
CA PHE C 17 25.27 -2.07 4.01
C PHE C 17 24.65 -1.42 5.25
N GLY C 18 25.17 -0.27 5.60
CA GLY C 18 24.56 0.55 6.68
C GLY C 18 23.17 1.03 6.37
N GLN C 19 22.94 1.40 5.11
CA GLN C 19 21.71 1.83 4.69
C GLN C 19 20.63 0.80 4.93
N ARG C 20 20.94 -0.49 4.74
CA ARG C 20 20.00 -1.51 5.11
C ARG C 20 19.45 -1.31 6.47
N CYS C 21 20.35 -1.12 7.41
CA CYS C 21 20.00 -1.05 8.78
C CYS C 21 19.17 0.17 9.06
N ARG C 22 19.56 1.31 8.43
CA ARG C 22 18.74 2.56 8.62
C ARG C 22 17.31 2.40 8.14
N ILE C 23 17.18 1.77 6.99
CA ILE C 23 15.88 1.51 6.44
C ILE C 23 15.07 0.59 7.30
N ALA C 24 15.67 -0.51 7.72
CA ALA C 24 14.99 -1.46 8.55
C ALA C 24 14.48 -0.86 9.87
N MET C 25 15.30 -0.06 10.50
CA MET C 25 14.86 0.66 11.71
C MET C 25 13.72 1.69 11.42
N ALA C 26 13.86 2.46 10.36
CA ALA C 26 12.82 3.38 9.89
C ALA C 26 11.51 2.63 9.65
N GLU C 27 11.58 1.51 8.95
CA GLU C 27 10.39 0.64 8.70
C GLU C 27 9.71 0.21 9.99
N LYS C 28 10.52 -0.06 11.00
CA LYS C 28 10.04 -0.55 12.29
C LYS C 28 9.68 0.52 13.30
N GLY C 29 9.87 1.79 12.97
CA GLY C 29 9.56 2.93 13.82
C GLY C 29 10.60 3.07 14.92
N LEU C 30 11.81 2.56 14.73
CA LEU C 30 12.82 2.52 15.77
C LEU C 30 13.80 3.66 15.56
N GLU C 31 13.85 4.55 16.53
CA GLU C 31 14.77 5.66 16.45
C GLU C 31 16.14 5.18 16.88
N PHE C 32 17.16 5.82 16.38
CA PHE C 32 18.51 5.46 16.67
C PHE C 32 19.45 6.65 16.51
N GLU C 33 20.52 6.63 17.29
CA GLU C 33 21.49 7.70 17.13
C GLU C 33 22.42 7.27 16.00
N TYR C 34 22.53 8.07 14.95
CA TYR C 34 23.38 7.75 13.84
C TYR C 34 24.77 8.35 14.10
N ARG C 35 25.85 7.55 13.98
CA ARG C 35 27.21 8.09 14.13
C ARG C 35 28.03 7.89 12.86
N GLU C 36 28.55 8.97 12.30
CA GLU C 36 29.26 8.92 11.03
C GLU C 36 30.68 8.53 11.36
N GLU C 37 31.19 7.42 10.84
CA GLU C 37 32.61 7.05 11.07
C GLU C 37 33.47 7.53 9.92
N ASP C 38 34.65 7.98 10.26
CA ASP C 38 35.66 8.28 9.26
C ASP C 38 36.47 6.97 9.12
N LEU C 39 36.33 6.27 8.01
CA LEU C 39 36.95 4.98 7.86
C LEU C 39 38.49 5.00 7.84
N GLY C 40 39.07 6.19 7.60
CA GLY C 40 40.52 6.36 7.63
C GLY C 40 40.93 6.70 9.04
N ASN C 41 39.95 6.91 9.92
CA ASN C 41 40.21 7.20 11.31
C ASN C 41 39.16 6.62 12.27
N LYS C 42 39.14 5.29 12.41
CA LYS C 42 38.04 4.60 13.05
C LYS C 42 37.93 4.93 14.50
N SER C 43 36.71 5.09 15.03
CA SER C 43 36.53 5.40 16.46
C SER C 43 36.93 4.30 17.42
N ASP C 44 37.27 4.68 18.66
CA ASP C 44 37.56 3.64 19.64
C ASP C 44 36.42 2.68 19.82
N LEU C 45 35.24 3.21 19.88
CA LEU C 45 34.06 2.41 19.99
C LEU C 45 33.92 1.44 18.76
N LEU C 46 34.19 1.94 17.54
CA LEU C 46 34.09 1.00 16.40
C LEU C 46 35.09 -0.15 16.57
N LEU C 47 36.35 0.16 16.95
CA LEU C 47 37.36 -0.86 17.06
C LEU C 47 37.07 -1.86 18.21
N ARG C 48 36.52 -1.43 19.32
CA ARG C 48 36.24 -2.34 20.44
C ARG C 48 34.94 -3.12 20.12
N SER C 49 34.10 -2.59 19.26
CA SER C 49 32.78 -3.16 19.04
C SER C 49 32.76 -4.20 17.94
N ASN C 50 33.59 -4.03 16.91
CA ASN C 50 33.75 -4.99 15.81
C ASN C 50 35.28 -5.23 15.58
N PRO C 51 35.94 -5.80 16.58
CA PRO C 51 37.39 -6.03 16.47
C PRO C 51 37.77 -7.04 15.41
N VAL C 52 36.88 -7.94 15.07
CA VAL C 52 37.24 -8.98 14.12
C VAL C 52 37.32 -8.40 12.70
N HIS C 53 36.29 -7.65 12.25
CA HIS C 53 36.32 -7.09 10.89
C HIS C 53 36.66 -5.61 10.84
N ARG C 54 36.38 -4.89 11.92
CA ARG C 54 36.61 -3.45 11.93
C ARG C 54 35.88 -2.69 10.83
N LYS C 55 34.64 -3.12 10.56
CA LYS C 55 33.77 -2.56 9.50
C LYS C 55 32.49 -1.98 10.04
N ILE C 56 31.86 -1.08 9.29
CA ILE C 56 30.52 -0.61 9.65
C ILE C 56 29.68 -1.38 8.69
N PRO C 57 28.39 -1.51 8.94
CA PRO C 57 27.75 -0.99 10.14
C PRO C 57 27.90 -1.85 11.40
N VAL C 58 27.79 -1.17 12.52
CA VAL C 58 27.69 -1.78 13.79
C VAL C 58 26.47 -1.18 14.49
N LEU C 59 25.58 -2.07 14.95
CA LEU C 59 24.43 -1.68 15.71
C LEU C 59 24.76 -1.92 17.16
N LEU C 60 24.65 -0.89 17.98
CA LEU C 60 24.77 -1.05 19.44
C LEU C 60 23.42 -0.89 20.09
N HIS C 61 23.01 -1.98 20.74
CA HIS C 61 21.74 -2.00 21.38
C HIS C 61 22.07 -2.05 22.87
N ALA C 62 21.70 -1.01 23.55
CA ALA C 62 22.04 -0.87 24.99
C ALA C 62 23.48 -1.20 25.23
N GLY C 63 24.36 -0.69 24.40
CA GLY C 63 25.79 -0.97 24.53
C GLY C 63 26.33 -2.31 23.98
N ARG C 64 25.49 -3.24 23.55
CA ARG C 64 25.98 -4.51 23.03
C ARG C 64 26.02 -4.50 21.53
N PRO C 65 27.16 -4.82 20.94
CA PRO C 65 27.26 -4.70 19.51
C PRO C 65 26.79 -5.91 18.71
N VAL C 66 26.24 -5.61 17.55
CA VAL C 66 25.84 -6.58 16.55
C VAL C 66 26.41 -6.07 15.21
N SER C 67 27.18 -6.92 14.51
CA SER C 67 27.90 -6.58 13.28
C SER C 67 27.42 -7.51 12.17
N GLU C 68 27.65 -7.09 10.92
CA GLU C 68 27.24 -7.73 9.65
C GLU C 68 25.76 -7.38 9.39
N SER C 69 25.56 -6.64 8.33
CA SER C 69 24.30 -5.99 8.08
C SER C 69 23.15 -7.02 7.99
N LEU C 70 23.33 -8.16 7.33
CA LEU C 70 22.20 -9.14 7.30
C LEU C 70 21.96 -9.74 8.71
N VAL C 71 23.04 -9.87 9.51
CA VAL C 71 22.88 -10.31 10.87
C VAL C 71 22.07 -9.22 11.68
N ILE C 72 22.40 -7.95 11.48
CA ILE C 72 21.68 -6.85 12.16
C ILE C 72 20.23 -6.89 11.75
N LEU C 73 19.97 -7.06 10.45
CA LEU C 73 18.57 -7.11 10.00
C LEU C 73 17.79 -8.17 10.74
N GLN C 74 18.32 -9.38 10.82
CA GLN C 74 17.58 -10.44 11.53
C GLN C 74 17.50 -10.13 13.03
N TYR C 75 18.53 -9.48 13.60
CA TYR C 75 18.47 -9.05 14.96
C TYR C 75 17.32 -8.08 15.20
N LEU C 76 17.13 -7.18 14.28
CA LEU C 76 16.03 -6.21 14.35
C LEU C 76 14.66 -6.88 14.31
N ASP C 77 14.54 -8.04 13.71
CA ASP C 77 13.28 -8.84 13.86
C ASP C 77 13.24 -9.50 15.22
N ASP C 78 14.32 -10.20 15.57
CA ASP C 78 14.34 -11.03 16.78
C ASP C 78 14.27 -10.25 18.12
N ALA C 79 14.93 -9.12 18.18
CA ALA C 79 14.96 -8.35 19.42
C ALA C 79 13.74 -7.44 19.56
N PHE C 80 12.98 -7.22 18.47
CA PHE C 80 11.83 -6.31 18.44
C PHE C 80 10.62 -6.93 17.78
N PRO C 81 10.07 -7.97 18.44
CA PRO C 81 8.96 -8.77 17.88
C PRO C 81 7.67 -8.02 17.65
N GLY C 82 7.43 -6.94 18.36
CA GLY C 82 6.21 -6.15 18.14
C GLY C 82 6.26 -5.18 16.92
N THR C 83 7.41 -5.05 16.27
CA THR C 83 7.53 -4.21 15.04
C THR C 83 7.27 -4.99 13.74
N PRO C 84 6.96 -4.29 12.65
CA PRO C 84 6.77 -4.96 11.35
C PRO C 84 7.98 -5.83 11.01
N HIS C 85 7.72 -7.09 10.73
CA HIS C 85 8.80 -8.02 10.44
C HIS C 85 9.30 -8.02 8.99
N LEU C 86 10.60 -8.20 8.84
CA LEU C 86 11.24 -8.40 7.55
C LEU C 86 11.19 -9.83 7.11
N LEU C 87 11.20 -10.78 8.05
CA LEU C 87 10.99 -12.16 7.69
C LEU C 87 9.75 -12.65 8.41
N PRO C 88 8.97 -13.49 7.77
CA PRO C 88 7.72 -13.91 8.42
C PRO C 88 8.11 -14.74 9.61
N PRO C 89 7.38 -14.65 10.70
CA PRO C 89 7.76 -15.38 11.89
C PRO C 89 7.37 -16.81 11.68
N ALA C 90 8.23 -17.76 12.04
CA ALA C 90 7.82 -19.15 12.05
C ALA C 90 7.25 -19.40 13.45
N ASN C 91 7.42 -18.42 14.34
CA ASN C 91 6.90 -18.44 15.70
C ASN C 91 5.38 -18.22 15.71
N SER C 92 4.74 -18.83 14.73
CA SER C 92 3.29 -18.92 14.60
C SER C 92 2.85 -18.62 13.18
N GLY C 93 1.54 -18.73 12.98
CA GLY C 93 0.95 -18.68 11.66
C GLY C 93 0.97 -20.13 11.24
N ASP C 94 0.75 -20.40 9.96
CA ASP C 94 0.86 -21.76 9.43
C ASP C 94 1.71 -21.69 8.14
N ALA C 95 1.75 -22.80 7.42
CA ALA C 95 2.15 -22.85 6.04
C ALA C 95 3.62 -22.75 5.65
N ASP C 96 3.85 -21.92 4.67
CA ASP C 96 5.09 -21.80 3.98
C ASP C 96 6.14 -20.94 4.72
N ALA C 97 5.94 -20.66 6.00
CA ALA C 97 6.78 -19.71 6.69
C ALA C 97 8.24 -20.16 6.73
N ALA C 98 8.48 -21.39 7.12
CA ALA C 98 9.86 -21.88 7.16
C ALA C 98 10.52 -21.79 5.77
N TYR C 99 9.80 -22.24 4.77
CA TYR C 99 10.33 -22.20 3.43
C TYR C 99 10.50 -20.77 2.91
N ALA C 100 9.58 -19.88 3.23
CA ALA C 100 9.71 -18.48 2.76
C ALA C 100 10.93 -17.85 3.37
N ARG C 101 11.15 -18.21 4.61
CA ARG C 101 12.31 -17.64 5.32
C ARG C 101 13.60 -18.09 4.64
N ALA C 102 13.65 -19.38 4.26
CA ALA C 102 14.84 -19.91 3.63
C ALA C 102 15.05 -19.27 2.28
N THR C 103 13.98 -19.13 1.52
CA THR C 103 14.05 -18.40 0.27
C THR C 103 14.60 -16.98 0.40
N ALA C 104 14.10 -16.26 1.38
CA ALA C 104 14.57 -14.93 1.62
C ALA C 104 16.07 -14.88 2.01
N ARG C 105 16.49 -15.81 2.87
CA ARG C 105 17.89 -15.79 3.31
C ARG C 105 18.76 -16.11 2.09
N PHE C 106 18.30 -17.02 1.26
CA PHE C 106 19.01 -17.37 0.03
C PHE C 106 19.30 -16.14 -0.85
N TRP C 107 18.26 -15.38 -1.16
CA TRP C 107 18.32 -14.21 -2.05
C TRP C 107 19.08 -13.04 -1.40
N ALA C 108 18.95 -12.85 -0.09
CA ALA C 108 19.79 -11.87 0.60
C ALA C 108 21.22 -12.23 0.50
N ASP C 109 21.54 -13.50 0.77
CA ASP C 109 22.90 -13.98 0.62
C ASP C 109 23.42 -13.72 -0.82
N TYR C 110 22.56 -13.96 -1.81
CA TYR C 110 22.91 -13.78 -3.21
C TYR C 110 23.28 -12.32 -3.46
N VAL C 111 22.49 -11.40 -2.89
CA VAL C 111 22.82 -9.97 -3.00
C VAL C 111 24.22 -9.66 -2.35
N ASP C 112 24.50 -10.24 -1.18
CA ASP C 112 25.78 -10.02 -0.52
C ASP C 112 26.93 -10.55 -1.33
N ARG C 113 26.69 -11.68 -2.01
CA ARG C 113 27.72 -12.30 -2.81
C ARG C 113 28.00 -11.58 -4.11
N LYS C 114 27.02 -10.87 -4.68
CA LYS C 114 27.16 -10.34 -6.00
C LYS C 114 27.31 -8.81 -6.16
N LEU C 115 26.43 -8.06 -5.50
CA LEU C 115 26.26 -6.65 -5.87
C LEU C 115 27.50 -5.83 -5.59
N TYR C 116 27.95 -5.81 -4.37
CA TYR C 116 29.05 -4.92 -4.03
C TYR C 116 30.30 -5.24 -4.83
N ASP C 117 30.71 -6.47 -4.70
CA ASP C 117 31.93 -6.90 -5.40
C ASP C 117 31.80 -6.81 -6.91
N CYS C 118 30.69 -7.26 -7.51
CA CYS C 118 30.64 -7.31 -8.99
C CYS C 118 30.44 -5.87 -9.52
N GLY C 119 29.80 -5.02 -8.71
CA GLY C 119 29.68 -3.64 -9.09
C GLY C 119 30.99 -2.90 -9.04
N SER C 120 31.76 -3.23 -8.04
CA SER C 120 33.02 -2.60 -7.80
C SER C 120 34.01 -2.81 -8.96
N ARG C 121 33.91 -3.96 -9.62
CA ARG C 121 34.69 -4.19 -10.83
C ARG C 121 34.37 -3.17 -11.91
N LEU C 122 33.15 -2.63 -11.91
CA LEU C 122 32.77 -1.75 -13.00
C LEU C 122 33.56 -0.46 -12.96
N TRP C 123 34.03 -0.02 -11.79
CA TRP C 123 34.84 1.20 -11.82
C TRP C 123 36.29 0.97 -11.54
N ARG C 124 36.68 -0.22 -11.12
CA ARG C 124 38.09 -0.53 -11.00
C ARG C 124 38.73 -0.94 -12.38
N LEU C 125 37.97 -1.55 -13.27
CA LEU C 125 38.51 -1.94 -14.57
C LEU C 125 38.25 -0.90 -15.61
N LYS C 126 38.90 -1.06 -16.77
CA LYS C 126 38.52 -0.30 -17.97
C LYS C 126 38.53 -1.23 -19.17
N GLY C 127 38.28 -0.63 -20.33
CA GLY C 127 38.33 -1.29 -21.59
C GLY C 127 37.44 -2.49 -21.67
N GLU C 128 37.95 -3.50 -22.33
CA GLU C 128 37.20 -4.70 -22.51
C GLU C 128 36.88 -5.39 -21.18
N PRO C 129 37.83 -5.50 -20.28
CA PRO C 129 37.55 -6.15 -19.01
C PRO C 129 36.36 -5.45 -18.28
N GLN C 130 36.30 -4.14 -18.41
CA GLN C 130 35.17 -3.36 -17.89
C GLN C 130 33.85 -3.75 -18.60
N ALA C 131 33.86 -3.79 -19.91
CA ALA C 131 32.68 -4.18 -20.62
C ALA C 131 32.27 -5.62 -20.19
N ALA C 132 33.22 -6.51 -19.96
CA ALA C 132 32.88 -7.90 -19.67
C ALA C 132 32.20 -7.88 -18.30
N ALA C 133 32.83 -7.09 -17.43
CA ALA C 133 32.27 -6.96 -16.10
C ALA C 133 30.86 -6.37 -16.12
N GLY C 134 30.61 -5.41 -17.00
CA GLY C 134 29.27 -4.91 -17.20
C GLY C 134 28.25 -5.93 -17.68
N ARG C 135 28.68 -6.85 -18.55
CA ARG C 135 27.79 -7.90 -18.99
C ARG C 135 27.45 -8.86 -17.86
N GLU C 136 28.40 -9.06 -16.97
CA GLU C 136 28.13 -9.91 -15.83
C GLU C 136 27.13 -9.21 -14.85
N MET C 137 27.28 -7.91 -14.67
CA MET C 137 26.34 -7.13 -13.85
C MET C 137 24.91 -7.13 -14.41
N ALA C 138 24.80 -6.91 -15.71
CA ALA C 138 23.49 -6.99 -16.37
C ALA C 138 22.83 -8.31 -16.13
N GLU C 139 23.63 -9.39 -16.18
CA GLU C 139 23.07 -10.69 -16.01
C GLU C 139 22.66 -10.90 -14.53
N ILE C 140 23.45 -10.42 -13.58
CA ILE C 140 23.00 -10.41 -12.18
C ILE C 140 21.68 -9.66 -12.00
N LEU C 141 21.50 -8.52 -12.69
CA LEU C 141 20.25 -7.86 -12.63
C LEU C 141 19.10 -8.69 -13.28
N ARG C 142 19.31 -9.34 -14.40
CA ARG C 142 18.28 -10.13 -15.04
C ARG C 142 17.94 -11.31 -14.12
N THR C 143 18.95 -11.81 -13.44
CA THR C 143 18.71 -12.92 -12.44
C THR C 143 17.76 -12.43 -11.33
N LEU C 144 18.05 -11.28 -10.73
CA LEU C 144 17.16 -10.72 -9.71
C LEU C 144 15.71 -10.44 -10.25
N GLU C 145 15.68 -9.95 -11.47
CA GLU C 145 14.41 -9.66 -12.13
C GLU C 145 13.65 -10.96 -12.25
N ALA C 146 14.28 -12.04 -12.70
CA ALA C 146 13.54 -13.32 -12.86
C ALA C 146 13.02 -13.80 -11.49
N GLU C 147 13.74 -13.59 -10.42
CA GLU C 147 13.23 -14.03 -9.13
C GLU C 147 12.06 -13.18 -8.72
N LEU C 148 12.08 -11.88 -9.02
CA LEU C 148 10.98 -11.00 -8.60
C LEU C 148 9.69 -11.35 -9.30
N GLY C 149 9.86 -11.76 -10.55
CA GLY C 149 8.71 -12.10 -11.40
C GLY C 149 7.79 -10.91 -11.49
N ASP C 150 6.49 -11.19 -11.40
CA ASP C 150 5.47 -10.20 -11.55
C ASP C 150 5.04 -9.65 -10.20
N ARG C 151 5.75 -9.98 -9.11
CA ARG C 151 5.42 -9.44 -7.81
C ARG C 151 5.81 -7.95 -7.62
N GLU C 152 5.18 -7.32 -6.65
CA GLU C 152 5.43 -5.95 -6.34
C GLU C 152 6.72 -5.87 -5.51
N PHE C 153 6.87 -6.85 -4.63
CA PHE C 153 8.06 -6.94 -3.83
C PHE C 153 8.68 -8.34 -3.77
N PHE C 154 9.95 -8.42 -3.40
CA PHE C 154 10.61 -9.72 -3.22
C PHE C 154 10.05 -10.51 -2.07
N GLY C 155 9.66 -9.79 -1.05
CA GLY C 155 9.08 -10.42 0.13
C GLY C 155 7.66 -10.83 -0.19
N GLY C 156 7.32 -12.07 0.14
CA GLY C 156 6.02 -12.67 -0.17
C GLY C 156 4.82 -12.32 0.71
N GLY C 157 5.05 -11.60 1.80
CA GLY C 157 3.97 -11.21 2.70
C GLY C 157 2.66 -10.96 1.95
N GLY C 158 2.71 -10.21 0.85
CA GLY C 158 1.52 -9.73 0.18
C GLY C 158 1.01 -8.62 1.11
N GLY C 159 1.96 -8.09 1.89
CA GLY C 159 1.67 -7.05 2.87
C GLY C 159 1.83 -5.67 2.28
N GLY C 160 2.40 -5.62 1.06
CA GLY C 160 2.63 -4.36 0.38
C GLY C 160 3.78 -3.65 1.04
N ARG C 161 4.67 -4.37 1.69
CA ARG C 161 5.77 -3.63 2.22
C ARG C 161 7.08 -4.32 2.06
N LEU C 162 8.11 -3.56 2.31
CA LEU C 162 9.47 -4.10 2.19
C LEU C 162 9.71 -5.35 3.05
N GLY C 163 10.17 -6.44 2.43
CA GLY C 163 10.66 -7.58 3.16
C GLY C 163 12.21 -7.62 3.26
N PHE C 164 12.69 -8.70 3.87
CA PHE C 164 14.11 -8.91 4.04
C PHE C 164 14.93 -8.73 2.80
N VAL C 165 14.52 -9.31 1.69
CA VAL C 165 15.26 -9.22 0.45
C VAL C 165 15.17 -7.81 -0.17
N ASP C 166 14.01 -7.20 -0.12
CA ASP C 166 13.88 -5.82 -0.63
C ASP C 166 14.80 -4.89 0.08
N VAL C 167 14.87 -5.03 1.36
CA VAL C 167 15.70 -4.12 2.11
C VAL C 167 17.18 -4.44 1.88
N ALA C 168 17.52 -5.72 1.84
CA ALA C 168 18.89 -6.08 1.52
C ALA C 168 19.33 -5.53 0.14
N LEU C 169 18.45 -5.46 -0.83
CA LEU C 169 18.85 -5.04 -2.19
C LEU C 169 18.66 -3.52 -2.49
N VAL C 170 17.60 -2.96 -1.92
CA VAL C 170 17.24 -1.57 -2.23
C VAL C 170 18.33 -0.53 -2.16
N PRO C 171 19.33 -0.59 -1.26
CA PRO C 171 20.35 0.46 -1.30
C PRO C 171 21.13 0.47 -2.63
N PHE C 172 21.33 -0.70 -3.23
CA PHE C 172 22.01 -0.78 -4.53
C PHE C 172 21.26 -0.12 -5.69
N THR C 173 19.95 0.10 -5.54
CA THR C 173 19.19 0.84 -6.59
C THR C 173 19.83 2.26 -6.76
N ALA C 174 20.47 2.75 -5.73
CA ALA C 174 21.12 4.07 -5.84
C ALA C 174 22.40 4.01 -6.67
N TRP C 175 22.90 2.82 -6.90
CA TRP C 175 24.11 2.60 -7.66
C TRP C 175 23.79 2.20 -9.08
N PHE C 176 22.51 1.98 -9.39
CA PHE C 176 22.17 1.45 -10.72
C PHE C 176 22.70 2.33 -11.85
N TYR C 177 22.54 3.64 -11.68
CA TYR C 177 22.97 4.60 -12.67
C TYR C 177 24.48 4.47 -12.90
N SER C 178 25.25 4.35 -11.82
CA SER C 178 26.67 4.16 -11.88
C SER C 178 27.03 2.88 -12.63
N TYR C 179 26.26 1.81 -12.40
CA TYR C 179 26.52 0.56 -13.09
C TYR C 179 26.25 0.70 -14.58
N GLU C 180 25.19 1.43 -14.89
CA GLU C 180 24.80 1.73 -16.25
C GLU C 180 25.90 2.53 -17.00
N ARG C 181 26.46 3.55 -16.36
CA ARG C 181 27.44 4.38 -16.98
C ARG C 181 28.77 3.63 -17.12
N CYS C 182 29.21 2.96 -16.08
CA CYS C 182 30.51 2.31 -16.17
C CYS C 182 30.41 1.01 -16.98
N GLY C 183 29.25 0.36 -16.90
CA GLY C 183 29.07 -0.92 -17.52
C GLY C 183 28.53 -0.99 -18.91
N GLY C 184 28.11 0.12 -19.46
CA GLY C 184 27.60 0.15 -20.82
C GLY C 184 26.24 -0.50 -21.01
N PHE C 185 25.34 -0.46 -20.03
CA PHE C 185 24.02 -1.04 -20.30
C PHE C 185 22.98 -0.17 -19.66
N SER C 186 21.72 -0.49 -19.86
CA SER C 186 20.63 0.25 -19.30
C SER C 186 19.72 -0.72 -18.54
N VAL C 187 19.44 -0.42 -17.26
CA VAL C 187 18.60 -1.31 -16.46
C VAL C 187 17.19 -1.45 -17.05
N GLU C 188 16.68 -0.38 -17.63
CA GLU C 188 15.35 -0.39 -18.21
C GLU C 188 15.31 -1.39 -19.37
N GLU C 189 16.38 -1.48 -20.15
CA GLU C 189 16.43 -2.46 -21.24
C GLU C 189 16.70 -3.84 -20.74
N VAL C 190 17.60 -4.04 -19.79
CA VAL C 190 17.86 -5.43 -19.43
C VAL C 190 17.00 -6.03 -18.34
N ALA C 191 16.37 -5.21 -17.48
CA ALA C 191 15.57 -5.77 -16.37
C ALA C 191 14.46 -4.77 -16.02
N PRO C 192 13.56 -4.50 -16.95
CA PRO C 192 12.52 -3.50 -16.71
C PRO C 192 11.72 -3.68 -15.43
N ARG C 193 11.41 -4.90 -15.03
CA ARG C 193 10.58 -5.08 -13.85
C ARG C 193 11.36 -4.72 -12.60
N LEU C 194 12.65 -4.92 -12.65
CA LEU C 194 13.48 -4.52 -11.54
C LEU C 194 13.61 -3.01 -11.45
N ALA C 195 13.69 -2.34 -12.61
CA ALA C 195 13.64 -0.88 -12.61
C ALA C 195 12.36 -0.40 -12.01
N ALA C 196 11.26 -1.05 -12.35
CA ALA C 196 9.97 -0.63 -11.85
C ALA C 196 9.91 -0.85 -10.32
N TRP C 197 10.50 -1.92 -9.88
CA TRP C 197 10.57 -2.20 -8.46
C TRP C 197 11.44 -1.11 -7.75
N ALA C 198 12.54 -0.71 -8.38
CA ALA C 198 13.40 0.31 -7.82
C ALA C 198 12.60 1.61 -7.65
N ARG C 199 11.75 1.92 -8.60
CA ARG C 199 10.97 3.16 -8.54
C ARG C 199 9.91 3.11 -7.47
N ARG C 200 9.24 1.98 -7.37
CA ARG C 200 8.28 1.74 -6.31
C ARG C 200 8.87 1.86 -4.93
N CYS C 201 9.97 1.16 -4.67
CA CYS C 201 10.61 1.29 -3.36
C CYS C 201 11.02 2.74 -3.07
N GLY C 202 11.43 3.43 -4.11
CA GLY C 202 11.81 4.82 -4.06
C GLY C 202 10.73 5.80 -3.65
N ARG C 203 9.48 5.35 -3.56
CA ARG C 203 8.39 6.19 -3.12
C ARG C 203 8.14 5.96 -1.62
N ILE C 204 8.85 4.98 -1.06
CA ILE C 204 8.66 4.62 0.32
C ILE C 204 9.52 5.53 1.25
N ASP C 205 8.91 6.00 2.33
CA ASP C 205 9.53 7.05 3.19
C ASP C 205 10.87 6.62 3.76
N SER C 206 10.93 5.38 4.22
CA SER C 206 12.18 4.94 4.79
C SER C 206 13.30 4.97 3.72
N VAL C 207 12.97 4.75 2.46
CA VAL C 207 13.94 4.68 1.40
C VAL C 207 14.27 6.09 0.93
N VAL C 208 13.28 6.93 0.84
CA VAL C 208 13.50 8.33 0.44
C VAL C 208 14.45 8.96 1.50
N LYS C 209 14.20 8.65 2.78
CA LYS C 209 15.03 9.17 3.84
C LYS C 209 16.48 8.71 3.82
N HIS C 210 16.74 7.42 3.55
CA HIS C 210 18.08 6.97 3.78
C HIS C 210 18.93 6.70 2.53
N LEU C 211 18.38 6.81 1.31
CA LEU C 211 19.21 6.62 0.14
C LEU C 211 19.64 7.96 -0.46
N PRO C 212 20.88 8.07 -0.84
CA PRO C 212 21.34 9.22 -1.58
C PRO C 212 20.80 9.07 -2.98
N SER C 213 20.86 10.13 -3.74
CA SER C 213 20.45 10.11 -5.08
C SER C 213 21.50 9.35 -5.96
N PRO C 214 21.04 8.95 -7.12
CA PRO C 214 21.92 8.26 -8.06
C PRO C 214 23.08 9.16 -8.45
N GLU C 215 22.81 10.46 -8.59
CA GLU C 215 23.82 11.38 -9.02
C GLU C 215 24.88 11.53 -7.96
N LYS C 216 24.47 11.55 -6.70
CA LYS C 216 25.40 11.66 -5.65
C LYS C 216 26.33 10.43 -5.61
N VAL C 217 25.74 9.28 -5.82
CA VAL C 217 26.51 8.03 -5.76
C VAL C 217 27.49 7.98 -6.90
N TYR C 218 27.04 8.43 -8.05
CA TYR C 218 27.93 8.52 -9.23
C TYR C 218 29.17 9.42 -8.98
N ASP C 219 28.96 10.54 -8.32
CA ASP C 219 30.08 11.40 -7.96
C ASP C 219 31.02 10.69 -7.01
N PHE C 220 30.52 9.87 -6.07
CA PHE C 220 31.37 9.09 -5.19
C PHE C 220 32.15 8.02 -5.96
N VAL C 221 31.50 7.38 -6.94
CA VAL C 221 32.18 6.35 -7.77
C VAL C 221 33.37 7.06 -8.44
N GLY C 222 33.13 8.26 -8.90
CA GLY C 222 34.15 9.07 -9.56
C GLY C 222 35.35 9.25 -8.64
N VAL C 223 35.14 9.53 -7.37
CA VAL C 223 36.31 9.66 -6.54
C VAL C 223 36.94 8.33 -6.35
N LEU C 224 36.09 7.31 -6.20
CA LEU C 224 36.55 5.96 -6.08
C LEU C 224 37.40 5.60 -7.30
N LYS C 225 36.94 5.88 -8.52
CA LYS C 225 37.65 5.48 -9.73
C LYS C 225 39.03 6.11 -9.82
N LYS C 226 39.12 7.39 -9.54
CA LYS C 226 40.40 8.03 -9.65
C LYS C 226 41.36 7.41 -8.65
N LYS C 227 40.86 6.93 -7.52
CA LYS C 227 41.73 6.33 -6.50
C LYS C 227 42.11 4.88 -6.82
N TYR C 228 41.14 4.05 -7.16
CA TYR C 228 41.44 2.67 -7.51
C TYR C 228 42.31 2.67 -8.77
N GLY C 229 42.11 3.65 -9.66
CA GLY C 229 42.91 3.70 -10.88
C GLY C 229 42.05 3.87 -12.13
N GLU D 3 7.40 -44.63 -1.36
CA GLU D 3 8.47 -44.87 -0.33
C GLU D 3 9.52 -43.75 -0.18
N GLU D 4 9.92 -43.10 -1.27
CA GLU D 4 10.65 -41.82 -1.22
C GLU D 4 10.45 -41.05 0.10
N LYS D 5 11.57 -40.74 0.74
CA LYS D 5 11.60 -39.93 1.97
C LYS D 5 11.36 -38.43 1.71
N GLU D 6 10.87 -37.77 2.75
CA GLU D 6 10.60 -36.34 2.77
C GLU D 6 11.83 -35.49 2.49
N LEU D 7 12.93 -35.93 3.03
CA LEU D 7 14.19 -35.21 2.96
C LEU D 7 15.20 -35.89 2.06
N VAL D 8 15.61 -35.18 1.02
CA VAL D 8 16.61 -35.61 0.09
C VAL D 8 17.80 -34.60 0.04
N LEU D 9 19.03 -35.08 0.16
CA LEU D 9 20.19 -34.19 0.19
C LEU D 9 21.11 -34.52 -0.99
N LEU D 10 21.35 -33.51 -1.81
CA LEU D 10 22.27 -33.67 -2.94
C LEU D 10 23.61 -33.19 -2.42
N ASP D 11 24.64 -34.00 -2.54
CA ASP D 11 25.90 -33.72 -1.84
C ASP D 11 27.08 -34.36 -2.55
N PHE D 12 28.23 -34.15 -1.94
CA PHE D 12 29.54 -34.58 -2.44
C PHE D 12 30.26 -35.03 -1.17
N TRP D 13 30.77 -36.23 -1.21
CA TRP D 13 31.17 -36.95 -0.01
C TRP D 13 32.10 -36.20 0.97
N VAL D 14 33.05 -35.49 0.44
CA VAL D 14 34.02 -34.90 1.34
C VAL D 14 33.67 -33.38 1.60
N SER D 15 32.56 -32.89 1.08
CA SER D 15 32.19 -31.46 1.29
C SER D 15 31.90 -31.12 2.74
N PRO D 16 32.66 -30.20 3.28
CA PRO D 16 32.42 -29.71 4.64
C PRO D 16 31.09 -29.04 4.74
N PHE D 17 30.67 -28.38 3.66
CA PHE D 17 29.37 -27.73 3.63
C PHE D 17 28.27 -28.73 3.69
N GLY D 18 28.37 -29.83 2.95
CA GLY D 18 27.33 -30.85 2.97
C GLY D 18 27.31 -31.63 4.30
N GLN D 19 28.50 -31.87 4.80
CA GLN D 19 28.63 -32.55 6.09
C GLN D 19 27.88 -31.78 7.24
N ARG D 20 27.89 -30.42 7.19
CA ARG D 20 27.10 -29.62 8.11
C ARG D 20 25.70 -30.08 8.12
N CYS D 21 25.14 -30.32 6.96
CA CYS D 21 23.74 -30.64 6.87
C CYS D 21 23.46 -32.03 7.36
N ARG D 22 24.34 -32.98 7.02
CA ARG D 22 24.21 -34.35 7.46
C ARG D 22 24.26 -34.40 9.00
N ILE D 23 25.18 -33.65 9.59
CA ILE D 23 25.31 -33.63 11.00
C ILE D 23 24.06 -33.02 11.70
N ALA D 24 23.53 -31.92 11.15
CA ALA D 24 22.40 -31.23 11.70
C ALA D 24 21.19 -32.11 11.67
N MET D 25 21.03 -32.86 10.60
CA MET D 25 19.90 -33.82 10.48
C MET D 25 20.06 -34.98 11.49
N ALA D 26 21.29 -35.43 11.67
CA ALA D 26 21.47 -36.57 12.55
C ALA D 26 21.23 -36.05 13.98
N GLU D 27 21.64 -34.83 14.27
CA GLU D 27 21.42 -34.32 15.59
C GLU D 27 19.95 -34.17 15.84
N LYS D 28 19.16 -33.91 14.79
CA LYS D 28 17.74 -33.72 14.94
C LYS D 28 16.91 -34.98 14.86
N GLY D 29 17.55 -36.11 14.67
CA GLY D 29 16.88 -37.38 14.47
C GLY D 29 16.17 -37.44 13.13
N LEU D 30 16.61 -36.68 12.13
CA LEU D 30 15.88 -36.64 10.88
C LEU D 30 16.54 -37.54 9.87
N GLU D 31 15.80 -38.44 9.28
CA GLU D 31 16.32 -39.32 8.24
C GLU D 31 16.29 -38.60 6.90
N PHE D 32 17.18 -38.96 6.01
CA PHE D 32 17.17 -38.32 4.74
C PHE D 32 17.79 -39.31 3.77
N GLU D 33 17.48 -39.15 2.49
CA GLU D 33 18.09 -39.90 1.41
C GLU D 33 19.30 -39.07 0.97
N TYR D 34 20.44 -39.69 0.73
CA TYR D 34 21.64 -39.00 0.30
C TYR D 34 21.93 -39.34 -1.14
N ARG D 35 22.19 -38.33 -1.95
CA ARG D 35 22.57 -38.53 -3.35
C ARG D 35 23.93 -37.89 -3.64
N GLU D 36 24.82 -38.70 -4.18
CA GLU D 36 26.13 -38.25 -4.49
C GLU D 36 26.08 -37.57 -5.84
N GLU D 37 26.59 -36.36 -5.90
CA GLU D 37 26.65 -35.65 -7.18
C GLU D 37 28.07 -35.71 -7.68
N ASP D 38 28.21 -35.90 -8.97
CA ASP D 38 29.49 -35.79 -9.61
C ASP D 38 29.58 -34.36 -10.10
N LEU D 39 30.50 -33.63 -9.54
CA LEU D 39 30.56 -32.20 -9.79
C LEU D 39 31.09 -31.87 -11.17
N GLY D 40 31.54 -32.88 -11.89
CA GLY D 40 31.90 -32.68 -13.28
C GLY D 40 30.75 -33.08 -14.18
N ASN D 41 29.72 -33.69 -13.62
CA ASN D 41 28.61 -34.13 -14.43
C ASN D 41 27.36 -33.99 -13.58
N LYS D 42 26.95 -32.75 -13.39
CA LYS D 42 25.90 -32.47 -12.42
C LYS D 42 24.61 -33.03 -12.89
N SER D 43 23.78 -33.54 -11.99
CA SER D 43 22.48 -34.09 -12.39
C SER D 43 21.46 -33.04 -12.76
N ASP D 44 20.48 -33.47 -13.56
CA ASP D 44 19.40 -32.57 -13.92
C ASP D 44 18.68 -32.10 -12.66
N LEU D 45 18.59 -32.97 -11.66
CA LEU D 45 17.90 -32.58 -10.42
C LEU D 45 18.62 -31.43 -9.72
N LEU D 46 19.93 -31.56 -9.65
CA LEU D 46 20.69 -30.51 -9.08
C LEU D 46 20.55 -29.20 -9.90
N LEU D 47 20.66 -29.27 -11.20
CA LEU D 47 20.56 -28.08 -12.04
C LEU D 47 19.17 -27.43 -11.97
N ARG D 48 18.15 -28.22 -11.79
CA ARG D 48 16.81 -27.69 -11.65
C ARG D 48 16.56 -27.13 -10.25
N SER D 49 17.24 -27.68 -9.29
CA SER D 49 16.98 -27.35 -7.90
C SER D 49 17.76 -26.10 -7.42
N ASN D 50 19.01 -25.93 -7.84
CA ASN D 50 19.84 -24.75 -7.49
C ASN D 50 20.38 -24.23 -8.78
N PRO D 51 19.47 -23.72 -9.58
CA PRO D 51 19.89 -23.20 -10.89
C PRO D 51 20.73 -21.97 -10.71
N VAL D 52 20.63 -21.28 -9.57
CA VAL D 52 21.40 -20.04 -9.48
C VAL D 52 22.89 -20.27 -9.27
N HIS D 53 23.22 -21.10 -8.32
CA HIS D 53 24.65 -21.36 -8.04
C HIS D 53 25.14 -22.73 -8.58
N ARG D 54 24.24 -23.66 -8.84
CA ARG D 54 24.68 -24.99 -9.27
C ARG D 54 25.67 -25.73 -8.36
N LYS D 55 25.49 -25.52 -7.06
CA LYS D 55 26.32 -26.12 -6.06
C LYS D 55 25.59 -27.00 -5.08
N ILE D 56 26.34 -27.92 -4.47
CA ILE D 56 25.81 -28.72 -3.39
C ILE D 56 26.30 -28.09 -2.09
N PRO D 57 25.69 -28.31 -0.96
CA PRO D 57 24.49 -29.12 -0.77
C PRO D 57 23.20 -28.47 -1.16
N VAL D 58 22.21 -29.29 -1.54
CA VAL D 58 20.88 -28.85 -1.73
C VAL D 58 19.99 -29.81 -0.97
N LEU D 59 19.14 -29.27 -0.10
CA LEU D 59 18.21 -30.08 0.61
C LEU D 59 16.88 -29.92 -0.11
N LEU D 60 16.20 -31.05 -0.42
CA LEU D 60 14.88 -31.04 -1.01
C LEU D 60 13.92 -31.59 0.02
N HIS D 61 13.00 -30.74 0.44
CA HIS D 61 12.02 -31.18 1.43
C HIS D 61 10.71 -31.30 0.70
N ALA D 62 10.21 -32.51 0.52
CA ALA D 62 8.95 -32.76 -0.23
C ALA D 62 9.05 -32.09 -1.56
N GLY D 63 10.21 -32.22 -2.16
CA GLY D 63 10.46 -31.69 -3.49
C GLY D 63 10.78 -30.20 -3.58
N ARG D 64 10.76 -29.46 -2.47
CA ARG D 64 11.15 -28.05 -2.50
C ARG D 64 12.62 -27.85 -2.12
N PRO D 65 13.38 -27.17 -2.96
CA PRO D 65 14.81 -27.02 -2.64
C PRO D 65 15.15 -25.87 -1.68
N VAL D 66 16.15 -26.16 -0.85
CA VAL D 66 16.81 -25.20 -0.01
C VAL D 66 18.30 -25.33 -0.25
N SER D 67 18.96 -24.25 -0.63
CA SER D 67 20.37 -24.25 -0.94
C SER D 67 21.13 -23.29 0.02
N GLU D 68 22.48 -23.41 0.03
CA GLU D 68 23.38 -22.71 0.93
C GLU D 68 23.35 -23.31 2.33
N SER D 69 24.47 -23.92 2.69
CA SER D 69 24.56 -24.64 3.93
C SER D 69 24.09 -23.90 5.16
N LEU D 70 24.44 -22.62 5.36
CA LEU D 70 23.95 -21.95 6.59
C LEU D 70 22.45 -21.72 6.51
N VAL D 71 21.94 -21.54 5.30
CA VAL D 71 20.53 -21.41 5.10
C VAL D 71 19.78 -22.72 5.38
N ILE D 72 20.29 -23.85 4.90
CA ILE D 72 19.76 -25.18 5.18
C ILE D 72 19.74 -25.39 6.71
N LEU D 73 20.83 -25.05 7.42
CA LEU D 73 20.81 -25.26 8.86
C LEU D 73 19.70 -24.52 9.58
N GLN D 74 19.50 -23.28 9.20
CA GLN D 74 18.45 -22.49 9.83
C GLN D 74 17.07 -22.99 9.41
N TYR D 75 16.95 -23.51 8.20
CA TYR D 75 15.68 -24.14 7.75
C TYR D 75 15.34 -25.35 8.58
N LEU D 76 16.34 -26.16 8.90
CA LEU D 76 16.10 -27.30 9.77
C LEU D 76 15.62 -26.93 11.19
N ASP D 77 15.98 -25.78 11.74
CA ASP D 77 15.41 -25.34 13.00
C ASP D 77 13.95 -24.94 12.73
N ASP D 78 13.78 -24.01 11.78
CA ASP D 78 12.47 -23.43 11.43
C ASP D 78 11.44 -24.49 10.96
N ALA D 79 11.86 -25.47 10.17
CA ALA D 79 10.92 -26.47 9.64
C ALA D 79 10.62 -27.63 10.62
N PHE D 80 11.47 -27.81 11.62
CA PHE D 80 11.32 -28.88 12.54
C PHE D 80 11.49 -28.37 13.95
N PRO D 81 10.52 -27.59 14.35
CA PRO D 81 10.53 -26.86 15.61
C PRO D 81 10.68 -27.71 16.84
N GLY D 82 10.29 -28.96 16.85
CA GLY D 82 10.37 -29.67 18.12
C GLY D 82 11.71 -30.34 18.37
N THR D 83 12.49 -30.45 17.29
CA THR D 83 13.75 -31.13 17.37
C THR D 83 14.71 -30.22 18.08
N PRO D 84 15.81 -30.79 18.54
CA PRO D 84 16.90 -30.02 19.17
C PRO D 84 17.41 -28.83 18.34
N HIS D 85 17.35 -27.64 18.90
CA HIS D 85 17.63 -26.45 18.13
C HIS D 85 19.10 -26.10 18.00
N LEU D 86 19.46 -25.65 16.80
CA LEU D 86 20.81 -25.12 16.58
C LEU D 86 20.91 -23.69 17.07
N LEU D 87 19.84 -22.92 16.86
CA LEU D 87 19.77 -21.58 17.42
C LEU D 87 18.65 -21.52 18.48
N PRO D 88 18.86 -20.78 19.56
CA PRO D 88 17.83 -20.71 20.57
C PRO D 88 16.68 -20.01 19.99
N PRO D 89 15.47 -20.47 20.22
CA PRO D 89 14.31 -19.70 19.78
C PRO D 89 14.18 -18.48 20.69
N ALA D 90 13.73 -17.34 20.19
CA ALA D 90 13.53 -16.17 21.08
C ALA D 90 12.58 -16.51 22.23
N ASN D 91 11.63 -17.39 21.95
CA ASN D 91 10.56 -17.66 22.89
C ASN D 91 9.89 -16.26 22.99
N SER D 92 10.22 -15.43 21.99
CA SER D 92 9.84 -14.02 21.80
C SER D 92 9.80 -13.21 23.12
N ALA D 95 15.08 -14.78 25.78
CA ALA D 95 15.88 -14.43 26.96
C ALA D 95 16.98 -13.43 26.53
N ASP D 96 18.21 -13.91 26.51
CA ASP D 96 19.19 -13.13 25.80
C ASP D 96 19.26 -13.80 24.45
N ALA D 97 18.19 -14.44 24.08
CA ALA D 97 18.21 -15.22 22.88
C ALA D 97 18.40 -14.43 21.55
N ALA D 98 17.83 -13.25 21.42
CA ALA D 98 17.99 -12.52 20.19
C ALA D 98 19.47 -12.23 19.98
N TYR D 99 20.14 -11.84 21.06
CA TYR D 99 21.54 -11.54 20.95
C TYR D 99 22.39 -12.79 20.72
N ALA D 100 22.01 -13.89 21.37
CA ALA D 100 22.76 -15.11 21.18
C ALA D 100 22.61 -15.52 19.77
N ARG D 101 21.44 -15.33 19.18
CA ARG D 101 21.30 -15.73 17.79
C ARG D 101 22.16 -14.89 16.88
N ALA D 102 22.21 -13.60 17.15
CA ALA D 102 23.03 -12.71 16.33
C ALA D 102 24.46 -13.10 16.47
N THR D 103 24.88 -13.37 17.69
CA THR D 103 26.24 -13.78 17.87
C THR D 103 26.61 -15.06 17.11
N ALA D 104 25.69 -16.00 17.10
CA ALA D 104 25.88 -17.27 16.44
C ALA D 104 25.94 -17.06 14.96
N ARG D 105 25.09 -16.20 14.39
CA ARG D 105 25.12 -15.97 12.96
C ARG D 105 26.44 -15.25 12.52
N PHE D 106 26.88 -14.29 13.32
CA PHE D 106 28.16 -13.70 13.08
C PHE D 106 29.30 -14.69 12.94
N TRP D 107 29.44 -15.59 13.92
CA TRP D 107 30.58 -16.57 13.93
C TRP D 107 30.46 -17.64 12.85
N ALA D 108 29.23 -18.05 12.56
CA ALA D 108 29.04 -18.95 11.40
C ALA D 108 29.44 -18.25 10.11
N ASP D 109 29.09 -16.97 9.97
CA ASP D 109 29.46 -16.25 8.80
C ASP D 109 30.98 -16.18 8.76
N TYR D 110 31.57 -15.92 9.89
CA TYR D 110 33.04 -15.84 9.95
C TYR D 110 33.68 -17.16 9.45
N VAL D 111 33.18 -18.26 9.94
CA VAL D 111 33.65 -19.57 9.47
C VAL D 111 33.50 -19.62 7.95
N ASP D 112 32.39 -19.20 7.40
CA ASP D 112 32.20 -19.31 5.94
C ASP D 112 33.15 -18.46 5.17
N ARG D 113 33.46 -17.28 5.72
CA ARG D 113 34.31 -16.33 5.07
C ARG D 113 35.77 -16.72 5.12
N LYS D 114 36.17 -17.44 6.15
CA LYS D 114 37.59 -17.73 6.30
C LYS D 114 38.14 -19.15 6.08
N LEU D 115 37.44 -20.14 6.55
CA LEU D 115 38.06 -21.43 6.67
C LEU D 115 38.34 -22.02 5.34
N TYR D 116 37.33 -22.07 4.50
CA TYR D 116 37.48 -22.81 3.27
C TYR D 116 38.55 -22.15 2.40
N ASP D 117 38.38 -20.86 2.18
CA ASP D 117 39.29 -20.11 1.29
C ASP D 117 40.67 -19.99 1.82
N CYS D 118 40.79 -19.54 3.07
CA CYS D 118 42.10 -19.36 3.67
C CYS D 118 42.80 -20.70 3.87
N GLY D 119 42.03 -21.78 3.81
CA GLY D 119 42.61 -23.10 3.86
C GLY D 119 42.95 -23.62 2.47
N SER D 120 42.17 -23.20 1.48
CA SER D 120 42.40 -23.61 0.09
C SER D 120 43.81 -23.23 -0.39
N ARG D 121 44.25 -22.06 0.05
CA ARG D 121 45.54 -21.55 -0.33
C ARG D 121 46.72 -22.38 0.20
N LEU D 122 46.46 -23.42 0.98
CA LEU D 122 47.57 -24.13 1.59
C LEU D 122 48.14 -25.24 0.78
N TRP D 123 47.38 -25.78 -0.13
CA TRP D 123 47.91 -26.89 -0.88
C TRP D 123 48.14 -26.53 -2.34
N ARG D 124 48.02 -25.24 -2.67
CA ARG D 124 48.33 -24.78 -4.02
C ARG D 124 49.07 -23.44 -4.00
N LEU D 125 49.97 -23.26 -3.02
CA LEU D 125 50.85 -22.10 -2.93
C LEU D 125 52.13 -22.66 -2.37
N LYS D 126 53.12 -22.86 -3.22
CA LYS D 126 54.39 -23.40 -2.74
C LYS D 126 55.18 -22.33 -2.01
N GLY D 127 56.21 -22.78 -1.31
CA GLY D 127 57.18 -21.92 -0.64
C GLY D 127 56.71 -20.92 0.41
N GLU D 128 57.13 -19.68 0.21
CA GLU D 128 56.92 -18.59 1.16
C GLU D 128 55.45 -18.26 1.29
N PRO D 129 54.77 -18.25 0.15
CA PRO D 129 53.34 -17.96 0.09
C PRO D 129 52.59 -18.92 0.98
N GLN D 130 52.87 -20.19 0.72
CA GLN D 130 52.30 -21.24 1.51
C GLN D 130 52.40 -20.83 2.97
N ALA D 131 53.63 -20.67 3.44
CA ALA D 131 53.89 -20.35 4.84
C ALA D 131 53.23 -19.08 5.33
N ALA D 132 52.99 -18.16 4.41
CA ALA D 132 52.35 -16.91 4.80
C ALA D 132 50.89 -17.24 5.15
N ALA D 133 50.27 -17.98 4.26
CA ALA D 133 48.93 -18.44 4.46
C ALA D 133 48.82 -19.18 5.82
N GLY D 134 49.83 -19.98 6.13
CA GLY D 134 49.88 -20.76 7.36
C GLY D 134 49.60 -19.87 8.54
N ARG D 135 50.39 -18.83 8.61
CA ARG D 135 50.31 -17.88 9.71
C ARG D 135 48.93 -17.26 9.71
N GLU D 136 48.38 -16.97 8.54
CA GLU D 136 47.05 -16.39 8.55
C GLU D 136 46.08 -17.48 9.13
N MET D 137 46.13 -18.72 8.65
CA MET D 137 45.23 -19.76 9.17
C MET D 137 45.37 -19.94 10.68
N ALA D 138 46.62 -19.88 11.13
CA ALA D 138 46.90 -19.91 12.55
C ALA D 138 46.14 -18.77 13.28
N GLU D 139 46.10 -17.59 12.67
CA GLU D 139 45.48 -16.46 13.35
C GLU D 139 43.96 -16.66 13.43
N ILE D 140 43.43 -17.26 12.39
CA ILE D 140 41.99 -17.55 12.33
C ILE D 140 41.60 -18.50 13.45
N LEU D 141 42.37 -19.55 13.60
CA LEU D 141 42.13 -20.52 14.64
C LEU D 141 42.32 -19.89 16.01
N ARG D 142 43.29 -18.98 16.12
CA ARG D 142 43.43 -18.22 17.33
C ARG D 142 42.15 -17.43 17.57
N THR D 143 41.57 -16.85 16.50
CA THR D 143 40.37 -16.01 16.65
C THR D 143 39.19 -16.82 17.14
N LEU D 144 39.00 -18.01 16.55
CA LEU D 144 37.94 -18.92 16.97
C LEU D 144 38.11 -19.40 18.40
N GLU D 145 39.36 -19.70 18.76
CA GLU D 145 39.73 -20.06 20.09
C GLU D 145 39.33 -19.04 21.15
N ALA D 146 39.58 -17.79 20.85
CA ALA D 146 39.16 -16.76 21.73
C ALA D 146 37.65 -16.69 21.80
N GLU D 147 36.92 -16.89 20.71
CA GLU D 147 35.48 -16.86 20.88
C GLU D 147 34.96 -18.01 21.73
N LEU D 148 35.52 -19.21 21.60
CA LEU D 148 35.05 -20.37 22.37
C LEU D 148 35.34 -20.10 23.82
N GLY D 149 36.50 -19.55 24.08
CA GLY D 149 36.89 -19.24 25.45
C GLY D 149 37.02 -20.53 26.26
N ASP D 150 36.43 -20.55 27.45
CA ASP D 150 36.43 -21.72 28.32
C ASP D 150 35.21 -22.58 28.19
N ARG D 151 34.33 -22.31 27.20
CA ARG D 151 33.07 -23.07 27.08
C ARG D 151 33.30 -24.45 26.50
N GLU D 152 32.32 -25.33 26.67
CA GLU D 152 32.39 -26.66 26.11
C GLU D 152 32.11 -26.57 24.59
N PHE D 153 31.16 -25.74 24.23
CA PHE D 153 30.72 -25.60 22.86
C PHE D 153 30.51 -24.13 22.54
N PHE D 154 30.58 -23.78 21.26
CA PHE D 154 30.38 -22.38 20.89
C PHE D 154 28.96 -22.04 21.16
N GLY D 155 28.14 -23.06 21.02
CA GLY D 155 26.74 -22.93 21.16
C GLY D 155 26.34 -22.32 22.49
N GLY D 156 25.39 -21.39 22.37
CA GLY D 156 24.89 -20.61 23.48
C GLY D 156 25.85 -20.90 24.58
N GLY D 157 25.51 -22.00 25.28
CA GLY D 157 26.24 -22.53 26.40
C GLY D 157 25.35 -23.64 26.99
N GLY D 158 25.53 -23.91 28.29
CA GLY D 158 24.73 -24.88 29.04
C GLY D 158 24.46 -26.21 28.35
N GLY D 159 23.75 -26.12 27.22
CA GLY D 159 23.40 -27.23 26.34
C GLY D 159 23.90 -28.61 26.70
N GLY D 160 25.08 -28.93 26.19
CA GLY D 160 25.67 -30.25 26.27
C GLY D 160 25.70 -30.81 24.88
N ARG D 161 25.47 -29.96 23.86
CA ARG D 161 25.43 -30.43 22.49
C ARG D 161 25.76 -29.34 21.49
N LEU D 162 25.94 -29.76 20.26
CA LEU D 162 26.33 -28.87 19.20
C LEU D 162 25.31 -27.78 18.95
N GLY D 163 25.76 -26.54 18.80
CA GLY D 163 24.89 -25.45 18.34
C GLY D 163 25.25 -25.08 16.89
N PHE D 164 24.68 -23.96 16.40
CA PHE D 164 24.81 -23.52 15.06
C PHE D 164 26.27 -23.37 14.65
N VAL D 165 27.04 -22.67 15.47
CA VAL D 165 28.42 -22.50 15.12
C VAL D 165 29.22 -23.79 15.20
N ASP D 166 28.93 -24.62 16.19
CA ASP D 166 29.63 -25.88 16.30
C ASP D 166 29.47 -26.75 15.02
N VAL D 167 28.24 -26.85 14.49
CA VAL D 167 27.98 -27.59 13.26
C VAL D 167 28.63 -26.91 12.02
N ALA D 168 28.67 -25.57 12.02
CA ALA D 168 29.27 -24.90 10.94
C ALA D 168 30.75 -25.17 10.80
N LEU D 169 31.42 -25.27 11.95
CA LEU D 169 32.86 -25.43 11.96
C LEU D 169 33.40 -26.85 12.06
N VAL D 170 32.66 -27.73 12.70
CA VAL D 170 33.14 -29.08 13.00
C VAL D 170 33.65 -29.86 11.79
N PRO D 171 33.05 -29.79 10.62
CA PRO D 171 33.63 -30.58 9.54
C PRO D 171 35.04 -30.14 9.27
N PHE D 172 35.37 -28.88 9.52
CA PHE D 172 36.73 -28.50 9.22
C PHE D 172 37.73 -29.12 10.20
N THR D 173 37.26 -29.65 11.32
CA THR D 173 38.22 -30.32 12.23
C THR D 173 38.88 -31.53 11.55
N ALA D 174 38.22 -32.09 10.56
CA ALA D 174 38.85 -33.16 9.82
C ALA D 174 39.95 -32.71 8.90
N TRP D 175 40.05 -31.40 8.65
CA TRP D 175 41.09 -30.86 7.79
C TRP D 175 42.26 -30.30 8.62
N PHE D 176 42.10 -30.24 9.94
CA PHE D 176 43.11 -29.61 10.75
C PHE D 176 44.45 -30.21 10.49
N TYR D 177 44.46 -31.54 10.52
CA TYR D 177 45.67 -32.31 10.24
C TYR D 177 46.36 -31.82 8.96
N SER D 178 45.56 -31.59 7.91
CA SER D 178 46.05 -31.12 6.65
C SER D 178 46.55 -29.66 6.76
N TYR D 179 45.83 -28.82 7.50
CA TYR D 179 46.29 -27.45 7.66
C TYR D 179 47.62 -27.42 8.35
N GLU D 180 47.80 -28.26 9.35
CA GLU D 180 49.06 -28.26 10.08
C GLU D 180 50.18 -28.71 9.16
N ARG D 181 49.89 -29.78 8.42
CA ARG D 181 50.91 -30.37 7.59
C ARG D 181 51.33 -29.37 6.53
N CYS D 182 50.38 -28.69 5.87
CA CYS D 182 50.71 -27.74 4.81
C CYS D 182 51.07 -26.36 5.25
N GLY D 183 50.48 -25.88 6.32
CA GLY D 183 50.71 -24.55 6.82
C GLY D 183 51.97 -24.48 7.66
N GLY D 184 52.42 -25.63 8.14
CA GLY D 184 53.57 -25.72 9.01
C GLY D 184 53.29 -25.25 10.45
N PHE D 185 52.21 -25.73 11.07
CA PHE D 185 51.89 -25.34 12.44
C PHE D 185 51.12 -26.41 13.19
N SER D 186 51.00 -26.24 14.50
CA SER D 186 50.28 -27.20 15.30
C SER D 186 49.07 -26.53 15.93
N VAL D 187 47.92 -27.17 15.72
CA VAL D 187 46.72 -26.63 16.29
C VAL D 187 46.81 -26.67 17.77
N GLU D 188 47.23 -27.82 18.29
CA GLU D 188 47.47 -27.97 19.72
C GLU D 188 48.24 -26.81 20.36
N GLU D 189 49.22 -26.27 19.66
CA GLU D 189 50.01 -25.18 20.21
C GLU D 189 49.45 -23.81 19.86
N VAL D 190 48.72 -23.70 18.76
CA VAL D 190 48.24 -22.39 18.41
C VAL D 190 46.95 -22.07 19.12
N ALA D 191 46.06 -23.05 19.20
CA ALA D 191 44.73 -22.88 19.79
C ALA D 191 44.33 -24.18 20.53
N PRO D 192 44.91 -24.44 21.68
CA PRO D 192 44.70 -25.74 22.34
C PRO D 192 43.27 -25.98 22.76
N ARG D 193 42.50 -24.95 23.09
CA ARG D 193 41.15 -25.19 23.59
C ARG D 193 40.28 -25.61 22.41
N LEU D 194 40.68 -25.15 21.23
CA LEU D 194 40.02 -25.51 20.00
C LEU D 194 40.35 -26.99 19.67
N ALA D 195 41.60 -27.36 19.87
CA ALA D 195 41.99 -28.73 19.61
C ALA D 195 41.14 -29.61 20.51
N ALA D 196 40.99 -29.18 21.76
CA ALA D 196 40.21 -29.93 22.76
C ALA D 196 38.71 -30.01 22.36
N TRP D 197 38.15 -28.89 21.90
CA TRP D 197 36.78 -28.85 21.37
C TRP D 197 36.63 -29.85 20.21
N ALA D 198 37.64 -29.98 19.38
CA ALA D 198 37.54 -30.87 18.25
C ALA D 198 37.48 -32.36 18.73
N ARG D 199 38.25 -32.65 19.75
CA ARG D 199 38.24 -34.02 20.29
C ARG D 199 36.96 -34.32 20.97
N ARG D 200 36.42 -33.35 21.63
CA ARG D 200 35.14 -33.60 22.25
C ARG D 200 34.05 -33.79 21.20
N CYS D 201 34.05 -32.97 20.14
CA CYS D 201 32.99 -33.15 19.15
C CYS D 201 33.16 -34.49 18.44
N GLY D 202 34.39 -34.93 18.34
CA GLY D 202 34.68 -36.21 17.74
C GLY D 202 34.11 -37.45 18.41
N ARG D 203 33.56 -37.33 19.62
CA ARG D 203 32.94 -38.45 20.26
C ARG D 203 31.43 -38.37 20.09
N ILE D 204 30.91 -37.30 19.49
CA ILE D 204 29.47 -37.17 19.30
C ILE D 204 29.03 -38.06 18.12
N ASP D 205 27.94 -38.79 18.30
CA ASP D 205 27.52 -39.79 17.31
C ASP D 205 27.47 -39.19 15.90
N SER D 206 26.84 -38.05 15.77
CA SER D 206 26.63 -37.44 14.48
C SER D 206 27.98 -37.15 13.79
N VAL D 207 28.99 -36.79 14.56
CA VAL D 207 30.30 -36.46 14.02
C VAL D 207 31.15 -37.68 13.63
N VAL D 208 31.17 -38.68 14.52
CA VAL D 208 31.68 -40.02 14.20
C VAL D 208 31.09 -40.53 12.86
N LYS D 209 29.77 -40.50 12.75
CA LYS D 209 29.09 -40.97 11.57
C LYS D 209 29.45 -40.19 10.29
N HIS D 210 29.46 -38.86 10.38
CA HIS D 210 29.45 -38.12 9.13
C HIS D 210 30.79 -37.50 8.63
N LEU D 211 31.83 -37.50 9.41
CA LEU D 211 33.12 -36.98 9.00
C LEU D 211 34.15 -38.08 8.73
N PRO D 212 34.96 -37.90 7.70
CA PRO D 212 35.96 -38.87 7.34
C PRO D 212 37.06 -38.67 8.31
N SER D 213 38.04 -39.56 8.28
CA SER D 213 39.17 -39.42 9.18
C SER D 213 40.06 -38.36 8.59
N PRO D 214 40.92 -37.78 9.42
CA PRO D 214 41.87 -36.76 8.96
C PRO D 214 42.77 -37.29 7.89
N GLU D 215 43.08 -38.58 8.00
CA GLU D 215 43.90 -39.22 6.99
C GLU D 215 43.22 -39.28 5.64
N LYS D 216 41.94 -39.65 5.60
CA LYS D 216 41.23 -39.67 4.32
C LYS D 216 41.24 -38.27 3.71
N VAL D 217 41.03 -37.25 4.53
CA VAL D 217 41.03 -35.90 4.05
C VAL D 217 42.41 -35.54 3.57
N TYR D 218 43.45 -35.85 4.35
CA TYR D 218 44.80 -35.54 3.88
C TYR D 218 45.05 -36.23 2.53
N ASP D 219 44.61 -37.48 2.32
CA ASP D 219 44.76 -38.09 0.99
C ASP D 219 44.12 -37.20 -0.06
N PHE D 220 42.87 -36.80 0.20
CA PHE D 220 42.16 -35.99 -0.76
C PHE D 220 42.82 -34.63 -1.01
N VAL D 221 43.37 -34.00 0.01
CA VAL D 221 44.06 -32.73 -0.25
C VAL D 221 45.08 -32.95 -1.35
N GLY D 222 45.51 -34.19 -1.47
CA GLY D 222 46.44 -34.51 -2.51
C GLY D 222 45.75 -34.24 -3.83
N VAL D 223 44.63 -34.91 -4.04
CA VAL D 223 43.97 -34.74 -5.30
C VAL D 223 43.83 -33.26 -5.56
N LEU D 224 43.49 -32.49 -4.53
CA LEU D 224 43.42 -31.05 -4.69
C LEU D 224 44.79 -30.49 -5.12
N LYS D 225 45.76 -31.39 -5.27
CA LYS D 225 47.08 -31.03 -5.77
C LYS D 225 47.22 -31.53 -7.21
N LYS D 226 46.39 -30.93 -8.05
CA LYS D 226 46.34 -31.13 -9.49
C LYS D 226 45.56 -29.90 -9.88
N LYS D 227 44.27 -29.91 -9.49
CA LYS D 227 43.31 -28.81 -9.65
C LYS D 227 41.91 -29.38 -9.92
MG MG E . -26.54 13.47 -24.46
MG MG F . -37.13 20.12 -29.56
CL CL G . -41.91 25.83 10.98
CL CL H . -14.80 35.92 10.47
CL CL I . -10.85 26.86 -26.85
CL CL J . -47.20 22.37 -12.29
CL CL K . -30.92 28.53 -31.56
CL CL L . -17.70 40.52 -7.74
CL CL M . -16.49 38.63 17.12
N1 GSH N . -21.72 22.06 -4.42
CA1 GSH N . -21.89 23.45 -4.16
C1 GSH N . -23.17 23.93 -3.60
O11 GSH N . -23.38 24.79 -2.77
O12 GSH N . -24.12 23.39 -4.12
CB1 GSH N . -20.97 24.46 -4.81
CG1 GSH N . -21.04 25.91 -4.27
CD1 GSH N . -19.96 26.73 -4.97
OE1 GSH N . -19.53 26.34 -6.04
N2 GSH N . -19.57 27.89 -4.43
CA2 GSH N . -18.56 28.71 -5.05
C2 GSH N . -17.42 28.79 -4.02
O2 GSH N . -17.73 29.15 -2.90
CB2 GSH N . -19.17 30.09 -5.32
SG2 GSH N . -20.38 30.00 -6.70
N3 GSH N . -16.20 28.28 -4.23
CA3 GSH N . -15.17 29.19 -3.70
C3 GSH N . -13.88 29.54 -4.45
O31 GSH N . -12.75 29.58 -3.86
O32 GSH N . -13.93 29.84 -5.63
N1 GSH O . -18.14 12.28 -16.47
CA1 GSH O . -18.07 13.59 -17.12
C1 GSH O . -17.05 13.48 -18.23
O11 GSH O . -16.09 14.23 -18.30
O12 GSH O . -17.16 12.61 -19.09
CB1 GSH O . -19.51 14.00 -17.61
CG1 GSH O . -19.53 15.40 -18.25
CD1 GSH O . -20.88 16.04 -18.65
OE1 GSH O . -21.75 16.20 -17.81
N2 GSH O . -20.98 16.46 -19.91
CA2 GSH O . -22.00 17.37 -20.41
C2 GSH O . -22.89 16.72 -21.42
O2 GSH O . -23.63 17.40 -22.15
CB2 GSH O . -21.38 18.64 -20.95
SG2 GSH O . -20.50 19.49 -19.63
N3 GSH O . -22.79 15.36 -21.38
CA3 GSH O . -23.69 14.52 -22.16
C3 GSH O . -25.17 14.56 -21.73
O31 GSH O . -25.47 15.03 -20.59
O32 GSH O . -26.03 14.10 -22.56
C1 GOL P . -33.27 33.42 -21.75
O1 GOL P . -32.60 34.52 -22.36
C2 GOL P . -34.72 33.38 -22.19
O2 GOL P . -34.85 32.84 -23.49
C3 GOL P . -35.59 32.55 -21.27
O3 GOL P . -36.86 33.19 -21.13
C1 GOL Q . -22.54 19.25 7.56
O1 GOL Q . -21.89 20.19 8.38
C2 GOL Q . -24.06 19.41 7.54
O2 GOL Q . -24.59 19.63 8.83
C3 GOL Q . -24.55 20.56 6.70
O3 GOL Q . -23.78 20.84 5.54
CL CL R . -24.44 4.10 -23.32
CL CL S . -22.85 5.29 16.97
CL CL T . -8.57 19.30 7.52
N1 GSH U . -24.19 8.54 -9.69
CA1 GSH U . -23.83 7.17 -9.41
C1 GSH U . -24.79 6.39 -8.54
O11 GSH U . -24.60 6.72 -7.40
O12 GSH U . -25.57 5.52 -8.86
CB1 GSH U . -23.08 6.45 -10.50
CG1 GSH U . -23.32 4.95 -10.74
CD1 GSH U . -22.27 4.43 -11.73
OE1 GSH U . -21.22 4.99 -11.81
N2 GSH U . -22.53 3.43 -12.54
CA2 GSH U . -21.52 2.82 -13.35
C2 GSH U . -22.18 2.69 -14.68
O2 GSH U . -23.34 2.28 -14.76
CB2 GSH U . -21.13 1.41 -12.86
SG2 GSH U . -20.35 1.32 -11.22
N3 GSH U . -21.51 3.04 -15.77
CA3 GSH U . -22.18 2.73 -17.02
C3 GSH U . -21.22 2.68 -18.13
O31 GSH U . -21.64 3.01 -19.24
O32 GSH U . -20.07 2.30 -17.89
C1 GOL V . -36.85 8.78 -12.76
O1 GOL V . -37.02 10.18 -12.74
C2 GOL V . -35.63 8.39 -13.59
O2 GOL V . -34.80 9.49 -13.89
C3 GOL V . -34.84 7.40 -12.78
O3 GOL V . -34.62 6.31 -13.65
MG MG W . 25.47 -16.57 -14.90
CL CL X . 9.03 -4.85 20.11
CL CL Y . 30.10 -17.03 -9.93
CL CL Z . 5.93 5.39 2.83
CL CL AA . 30.34 -20.22 -1.88
CL CL BA . 26.81 -9.87 15.62
CL CL CA . 28.14 -6.24 -25.03
N1 GSH DA . 29.75 -7.92 5.17
CA1 GSH DA . 29.41 -6.54 5.50
C1 GSH DA . 28.08 -6.13 6.07
O11 GSH DA . 27.86 -5.32 7.00
O12 GSH DA . 27.12 -6.68 5.52
CB1 GSH DA . 30.43 -5.48 4.98
CG1 GSH DA . 30.24 -4.01 5.37
CD1 GSH DA . 31.32 -3.15 4.72
OE1 GSH DA . 31.87 -3.55 3.68
N2 GSH DA . 31.61 -1.97 5.33
CA2 GSH DA . 32.61 -1.04 4.77
C2 GSH DA . 33.65 -0.77 5.82
O2 GSH DA . 33.42 -0.70 7.04
CB2 GSH DA . 32.01 0.28 4.31
SG2 GSH DA . 30.78 0.13 2.97
N3 GSH DA . 34.87 -0.71 5.40
CA3 GSH DA . 35.95 -0.85 6.40
C3 GSH DA . 37.20 -0.09 5.97
O31 GSH DA . 37.21 0.56 4.92
O32 GSH DA . 38.19 -0.12 6.68
N1 GSH EA . 33.67 -13.43 -5.79
CA1 GSH EA . 32.53 -14.34 -5.74
C1 GSH EA . 31.27 -13.57 -5.56
O11 GSH EA . 31.31 -12.34 -5.69
O12 GSH EA . 30.21 -14.18 -5.31
CB1 GSH EA . 32.40 -15.23 -7.01
CG1 GSH EA . 32.50 -14.54 -8.37
CD1 GSH EA . 31.17 -13.95 -8.85
OE1 GSH EA . 30.14 -13.82 -8.14
N2 GSH EA . 31.19 -13.58 -10.15
CA2 GSH EA . 30.14 -12.75 -10.72
C2 GSH EA . 29.28 -13.39 -11.80
O2 GSH EA . 28.50 -12.69 -12.50
CB2 GSH EA . 30.69 -11.46 -11.23
SG2 GSH EA . 31.53 -10.52 -9.92
N3 GSH EA . 29.40 -14.73 -11.95
CA3 GSH EA . 28.41 -15.47 -12.73
C3 GSH EA . 26.96 -15.48 -12.18
O31 GSH EA . 26.64 -15.15 -10.98
O32 GSH EA . 26.12 -15.95 -12.93
N1 GSH FA . 31.03 0.82 -20.24
CA1 GSH FA . 31.32 1.95 -21.10
C1 GSH FA . 30.57 2.32 -22.33
O11 GSH FA . 29.52 2.94 -22.25
O12 GSH FA . 31.00 1.99 -23.41
CB1 GSH FA . 32.41 2.95 -20.68
CG1 GSH FA . 32.12 4.12 -19.73
CD1 GSH FA . 33.49 4.36 -19.09
OE1 GSH FA . 34.39 4.83 -19.76
N2 GSH FA . 33.55 4.13 -17.79
CA2 GSH FA . 32.77 5.22 -17.11
C2 GSH FA . 33.01 6.71 -17.20
O2 GSH FA . 32.41 7.30 -16.33
CB2 GSH FA . 32.81 5.38 -15.59
SG2 GSH FA . 33.13 4.03 -14.51
N3 GSH FA . 33.62 7.52 -18.05
CA3 GSH FA . 32.69 8.61 -18.40
C3 GSH FA . 33.05 9.42 -19.63
O31 GSH FA . 32.33 10.34 -19.97
O32 GSH FA . 34.05 9.18 -20.28
C1 GOL GA . 39.44 -10.31 -17.93
O1 GOL GA . 38.14 -9.97 -18.36
C2 GOL GA . 39.54 -11.13 -16.64
O2 GOL GA . 38.38 -11.87 -16.32
C3 GOL GA . 40.72 -12.07 -16.69
O3 GOL GA . 40.77 -12.94 -15.55
C1 GOL HA . 17.55 6.78 -4.63
O1 GOL HA . 18.77 6.96 -5.26
C2 GOL HA . 16.67 6.09 -5.67
O2 GOL HA . 17.40 5.05 -6.34
C3 GOL HA . 15.42 5.49 -5.06
O3 GOL HA . 14.49 5.63 -6.14
C1 GOL IA . 29.24 14.19 0.65
O1 GOL IA . 30.52 13.81 0.09
C2 GOL IA . 28.81 13.31 1.84
O2 GOL IA . 29.39 13.66 3.08
C3 GOL IA . 27.32 13.32 2.14
O3 GOL IA . 26.80 14.44 2.81
C1 GOL JA . 31.73 -10.02 17.49
O1 GOL JA . 32.36 -9.29 18.54
C2 GOL JA . 30.29 -9.57 17.15
O2 GOL JA . 29.38 -10.53 17.72
C3 GOL JA . 29.86 -8.18 17.65
O3 GOL JA . 30.23 -7.07 16.85
CL CL KA . 21.97 -44.88 18.69
CL CL LA . 36.64 -42.55 7.32
CL CL MA . 28.82 -24.57 26.78
CL CL NA . 26.47 -38.64 20.85
N1 GSH OA . 28.05 -21.36 0.09
CA1 GSH OA . 28.42 -22.76 0.15
C1 GSH OA . 27.53 -23.51 1.09
O11 GSH OA . 27.70 -23.17 2.24
O12 GSH OA . 26.69 -24.30 0.78
CB1 GSH OA . 28.67 -23.37 -1.21
CG1 GSH OA . 29.17 -24.80 -1.08
CD1 GSH OA . 30.25 -25.28 -2.10
OE1 GSH OA . 31.31 -24.68 -2.24
N2 GSH OA . 30.00 -26.43 -2.71
CA2 GSH OA . 30.86 -27.02 -3.71
C2 GSH OA . 30.14 -27.01 -5.03
O2 GSH OA . 29.17 -27.65 -5.19
CB2 GSH OA . 31.21 -28.43 -3.26
SG2 GSH OA . 32.12 -28.38 -1.69
N3 GSH OA . 30.51 -26.32 -6.09
CA3 GSH OA . 30.51 -27.26 -7.18
C3 GSH OA . 31.42 -27.02 -8.34
O31 GSH OA . 30.91 -26.66 -9.39
O32 GSH OA . 32.61 -27.26 -8.24
C1 GOL PA . 22.78 -41.02 5.55
O1 GOL PA . 24.14 -41.39 5.76
C2 GOL PA . 21.65 -41.70 6.38
O2 GOL PA . 21.89 -41.90 7.74
C3 GOL PA . 20.41 -40.82 6.24
O3 GOL PA . 19.34 -41.09 7.18
C1 GOL QA . 15.43 -21.34 -3.25
O1 GOL QA . 15.16 -20.13 -3.94
C2 GOL QA . 16.25 -22.16 -4.21
O2 GOL QA . 17.05 -21.27 -4.96
C3 GOL QA . 17.10 -23.20 -3.52
O3 GOL QA . 17.99 -23.81 -4.46
#